data_7BY8
#
_entry.id   7BY8
#
_cell.length_a   81.682
_cell.length_b   108.679
_cell.length_c   146.643
_cell.angle_alpha   90.000
_cell.angle_beta   90.000
_cell.angle_gamma   90.000
#
_symmetry.space_group_name_H-M   'P 21 21 21'
#
loop_
_entity.id
_entity.type
_entity.pdbx_description
1 polymer 'Malate dehydrogenase'
2 water water
#
_entity_poly.entity_id   1
_entity_poly.type   'polypeptide(L)'
_entity_poly.pdbx_seq_one_letter_code
;MGSSHHHHHHSSGLVPRGSHMAMKRKKISVIGAGFTGATTAFLLAQKELGDVVLVDIPQLENPTKGKALDMLEASPVLGF
DANIIGTSDYADTADSDIVVITAGIARKPGMSRDDLVTTNQKIMKQVTKEVVKYSPNCYIIVLTNPVDAMTYTVFKESGF
PKNRVIGQSGVLDTARFRTFVAEELNISVKDVTGFVLGGHGDDMVPLVRYSYAGGIPLEKLIPKDRLDAIVERTRKGGGE
IVNLLGNGSAYYAPAASLVEMVEAILKDQRRILPAIAYLEGEYGYEGIYLGVPTILGGNGIEKVIELELTEEEKAALAKS
VESVKNVMRMLE
;
_entity_poly.pdbx_strand_id   A,B,C,D
#
# COMPACT_ATOMS: atom_id res chain seq x y z
N ALA A 22 -18.35 -12.21 15.82
CA ALA A 22 -18.29 -11.10 14.79
C ALA A 22 -16.88 -10.50 14.74
N MET A 23 -16.35 -10.29 13.52
CA MET A 23 -15.09 -9.57 13.26
C MET A 23 -15.37 -8.09 13.54
N LYS A 24 -14.55 -7.45 14.36
CA LYS A 24 -14.76 -6.04 14.73
C LYS A 24 -13.41 -5.32 14.61
N ARG A 25 -13.45 -4.08 14.15
CA ARG A 25 -12.22 -3.30 13.92
C ARG A 25 -11.53 -3.08 15.27
N LYS A 26 -10.21 -3.05 15.24
CA LYS A 26 -9.39 -2.52 16.34
C LYS A 26 -9.78 -1.05 16.53
N LYS A 27 -9.51 -0.53 17.70
CA LYS A 27 -9.90 0.83 18.10
C LYS A 27 -8.66 1.49 18.69
N ILE A 28 -8.26 2.63 18.14
CA ILE A 28 -7.10 3.40 18.68
C ILE A 28 -7.55 4.80 19.08
N SER A 29 -7.17 5.24 20.27
CA SER A 29 -7.44 6.62 20.72
C SER A 29 -6.13 7.38 20.69
N VAL A 30 -6.13 8.57 20.11
CA VAL A 30 -4.97 9.50 20.14
C VAL A 30 -5.36 10.69 21.02
N ILE A 31 -4.58 10.91 22.08
CA ILE A 31 -4.82 12.01 23.04
C ILE A 31 -3.91 13.19 22.65
N GLY A 32 -4.54 14.33 22.40
CA GLY A 32 -3.87 15.55 21.90
C GLY A 32 -4.07 15.67 20.41
N ALA A 33 -4.66 16.79 19.94
CA ALA A 33 -5.06 17.02 18.53
C ALA A 33 -4.18 18.10 17.94
N GLY A 34 -3.04 18.39 18.57
CA GLY A 34 -1.92 19.09 17.93
C GLY A 34 -1.42 18.32 16.70
N PHE A 35 -0.39 18.83 16.05
CA PHE A 35 0.10 18.34 14.74
C PHE A 35 0.56 16.88 14.82
N THR A 36 1.30 16.47 15.85
CA THR A 36 1.73 15.06 15.97
C THR A 36 0.52 14.13 16.14
N GLY A 37 -0.35 14.40 17.10
CA GLY A 37 -1.57 13.60 17.37
C GLY A 37 -2.43 13.47 16.12
N ALA A 38 -2.77 14.58 15.48
CA ALA A 38 -3.66 14.63 14.29
C ALA A 38 -3.02 13.84 13.13
N THR A 39 -1.71 14.02 12.92
CA THR A 39 -0.93 13.34 11.87
C THR A 39 -0.91 11.83 12.19
N THR A 40 -0.80 11.46 13.47
CA THR A 40 -0.79 10.05 13.93
C THR A 40 -2.17 9.47 13.60
N ALA A 41 -3.23 10.17 13.98
CA ALA A 41 -4.63 9.72 13.75
C ALA A 41 -4.82 9.45 12.25
N PHE A 42 -4.32 10.36 11.42
CA PHE A 42 -4.50 10.32 9.94
C PHE A 42 -3.75 9.13 9.33
N LEU A 43 -2.52 8.88 9.78
CA LEU A 43 -1.65 7.76 9.31
C LEU A 43 -2.28 6.42 9.72
N LEU A 44 -2.80 6.34 10.94
CA LEU A 44 -3.46 5.11 11.46
C LEU A 44 -4.68 4.77 10.59
N ALA A 45 -5.52 5.77 10.30
CA ALA A 45 -6.76 5.56 9.53
C ALA A 45 -6.36 5.09 8.14
N GLN A 46 -5.34 5.73 7.59
CA GLN A 46 -4.86 5.55 6.21
C GLN A 46 -4.42 4.09 6.04
N LYS A 47 -3.73 3.53 7.03
CA LYS A 47 -3.26 2.12 7.08
C LYS A 47 -4.39 1.13 7.40
N GLU A 48 -5.63 1.59 7.62
CA GLU A 48 -6.80 0.72 7.96
C GLU A 48 -6.44 -0.14 9.17
N LEU A 49 -5.73 0.44 10.15
CA LEU A 49 -5.29 -0.32 11.35
C LEU A 49 -6.44 -0.44 12.35
N GLY A 50 -7.47 0.38 12.21
CA GLY A 50 -8.72 0.31 13.01
C GLY A 50 -9.43 1.65 13.03
N ASP A 51 -10.45 1.78 13.87
CA ASP A 51 -11.17 3.08 13.99
C ASP A 51 -10.37 3.97 14.93
N VAL A 52 -10.37 5.26 14.67
CA VAL A 52 -9.53 6.25 15.40
C VAL A 52 -10.43 7.26 16.09
N VAL A 53 -10.12 7.55 17.36
CA VAL A 53 -10.79 8.57 18.23
C VAL A 53 -9.72 9.60 18.62
N LEU A 54 -9.84 10.82 18.10
CA LEU A 54 -8.89 11.93 18.35
C LEU A 54 -9.52 12.76 19.48
N VAL A 55 -8.81 12.86 20.59
CA VAL A 55 -9.29 13.43 21.88
C VAL A 55 -8.48 14.69 22.16
N ASP A 56 -9.13 15.78 22.57
CA ASP A 56 -8.46 16.90 23.24
C ASP A 56 -9.44 17.49 24.25
N ILE A 57 -9.11 18.65 24.79
CA ILE A 57 -9.82 19.24 25.95
C ILE A 57 -11.11 19.83 25.43
N PRO A 58 -12.11 20.02 26.34
CA PRO A 58 -13.42 20.56 25.95
C PRO A 58 -13.33 21.86 25.13
N GLN A 59 -12.34 22.71 25.42
CA GLN A 59 -12.11 24.01 24.74
C GLN A 59 -11.83 23.80 23.23
N LEU A 60 -11.18 22.71 22.86
CA LEU A 60 -10.77 22.48 21.44
C LEU A 60 -11.65 21.40 20.82
N GLU A 61 -12.84 21.15 21.37
CA GLU A 61 -13.73 20.06 20.88
C GLU A 61 -14.05 20.30 19.39
N ASN A 62 -14.43 21.52 19.04
CA ASN A 62 -14.86 21.86 17.66
C ASN A 62 -13.70 21.64 16.68
N PRO A 63 -12.50 22.20 16.94
CA PRO A 63 -11.33 21.97 16.09
C PRO A 63 -10.93 20.49 15.92
N THR A 64 -10.95 19.75 17.03
CA THR A 64 -10.69 18.30 17.05
C THR A 64 -11.72 17.64 16.12
N LYS A 65 -13.02 17.96 16.27
CA LYS A 65 -14.11 17.41 15.43
C LYS A 65 -13.87 17.80 13.95
N GLY A 66 -13.43 19.02 13.67
CA GLY A 66 -13.13 19.51 12.32
C GLY A 66 -12.04 18.72 11.64
N LYS A 67 -10.92 18.51 12.33
CA LYS A 67 -9.76 17.75 11.81
C LYS A 67 -10.20 16.30 11.52
N ALA A 68 -10.91 15.66 12.45
CA ALA A 68 -11.38 14.26 12.32
C ALA A 68 -12.30 14.16 11.10
N LEU A 69 -13.25 15.09 10.95
CA LEU A 69 -14.20 15.08 9.81
C LEU A 69 -13.43 15.31 8.50
N ASP A 70 -12.49 16.26 8.49
CA ASP A 70 -11.66 16.51 7.29
C ASP A 70 -10.93 15.20 6.92
N MET A 71 -10.32 14.51 7.89
CA MET A 71 -9.57 13.25 7.61
C MET A 71 -10.53 12.20 7.04
N LEU A 72 -11.70 12.09 7.66
CA LEU A 72 -12.72 11.09 7.22
C LEU A 72 -13.20 11.41 5.79
N GLU A 73 -13.35 12.69 5.46
CA GLU A 73 -13.82 13.08 4.10
C GLU A 73 -12.73 12.80 3.04
N ALA A 74 -11.47 12.55 3.43
CA ALA A 74 -10.36 12.15 2.52
C ALA A 74 -10.44 10.64 2.17
N SER A 75 -11.19 9.85 2.94
CA SER A 75 -11.14 8.36 2.90
C SER A 75 -11.76 7.80 1.60
N PRO A 76 -12.79 8.39 0.97
CA PRO A 76 -13.25 7.90 -0.33
C PRO A 76 -12.19 8.11 -1.42
N VAL A 77 -11.42 9.18 -1.33
CA VAL A 77 -10.42 9.53 -2.39
C VAL A 77 -9.18 8.65 -2.22
N LEU A 78 -8.62 8.56 -1.01
CA LEU A 78 -7.43 7.71 -0.73
C LEU A 78 -7.81 6.23 -0.66
N GLY A 79 -9.10 5.89 -0.61
CA GLY A 79 -9.59 4.51 -0.71
C GLY A 79 -9.34 3.71 0.55
N PHE A 80 -9.54 4.29 1.74
CA PHE A 80 -9.47 3.58 3.04
C PHE A 80 -10.82 3.70 3.73
N ASP A 81 -11.27 2.60 4.33
CA ASP A 81 -12.43 2.51 5.24
C ASP A 81 -11.85 2.60 6.66
N ALA A 82 -12.16 3.66 7.37
CA ALA A 82 -11.95 3.75 8.84
C ALA A 82 -12.85 4.85 9.38
N ASN A 83 -13.41 4.64 10.56
CA ASN A 83 -14.16 5.62 11.35
C ASN A 83 -13.10 6.51 11.99
N ILE A 84 -13.27 7.83 11.88
CA ILE A 84 -12.45 8.79 12.66
C ILE A 84 -13.44 9.77 13.25
N ILE A 85 -13.44 9.89 14.57
CA ILE A 85 -14.21 10.96 15.27
C ILE A 85 -13.22 11.81 16.08
N GLY A 86 -13.55 13.08 16.26
CA GLY A 86 -12.94 13.97 17.27
C GLY A 86 -13.86 14.12 18.47
N THR A 87 -13.30 14.29 19.66
CA THR A 87 -14.08 14.33 20.91
C THR A 87 -13.32 15.11 21.98
N SER A 88 -14.04 15.55 22.99
CA SER A 88 -13.49 15.94 24.32
C SER A 88 -14.05 14.99 25.40
N ASP A 89 -14.79 13.97 25.01
CA ASP A 89 -15.41 13.05 25.99
C ASP A 89 -14.64 11.72 25.97
N TYR A 90 -13.92 11.41 27.04
CA TYR A 90 -13.11 10.15 27.15
C TYR A 90 -13.99 8.90 27.06
N ALA A 91 -15.32 9.03 27.21
CA ALA A 91 -16.27 7.90 27.10
C ALA A 91 -16.24 7.35 25.66
N ASP A 92 -15.96 8.21 24.67
CA ASP A 92 -15.80 7.83 23.24
C ASP A 92 -14.52 6.99 23.02
N THR A 93 -13.57 6.96 23.99
CA THR A 93 -12.33 6.11 23.95
C THR A 93 -12.60 4.71 24.51
N ALA A 94 -13.82 4.45 24.99
CA ALA A 94 -14.12 3.19 25.70
C ALA A 94 -13.64 1.98 24.88
N ASP A 95 -13.00 1.00 25.51
CA ASP A 95 -12.55 -0.26 24.90
C ASP A 95 -11.57 -0.01 23.75
N SER A 96 -10.66 0.96 23.86
CA SER A 96 -9.52 1.09 22.94
C SER A 96 -8.55 -0.09 23.15
N ASP A 97 -8.06 -0.67 22.07
CA ASP A 97 -6.98 -1.68 22.11
C ASP A 97 -5.65 -0.96 22.36
N ILE A 98 -5.50 0.25 21.82
CA ILE A 98 -4.25 1.04 22.03
C ILE A 98 -4.67 2.49 22.25
N VAL A 99 -3.93 3.18 23.11
CA VAL A 99 -4.04 4.65 23.34
C VAL A 99 -2.66 5.29 23.15
N VAL A 100 -2.58 6.34 22.35
CA VAL A 100 -1.31 7.06 22.05
C VAL A 100 -1.39 8.40 22.79
N ILE A 101 -0.42 8.72 23.64
CA ILE A 101 -0.47 9.98 24.43
C ILE A 101 0.51 10.97 23.82
N THR A 102 -0.04 11.95 23.10
CA THR A 102 0.76 13.04 22.48
C THR A 102 0.51 14.34 23.24
N ALA A 103 -0.28 14.31 24.32
CA ALA A 103 -0.65 15.54 25.05
C ALA A 103 0.60 16.09 25.75
N GLY A 104 0.56 17.35 26.20
CA GLY A 104 1.65 17.96 26.99
C GLY A 104 2.04 19.35 26.52
N ILE A 105 2.85 20.04 27.32
CA ILE A 105 3.17 21.48 27.26
C ILE A 105 4.63 21.60 26.85
N ALA A 106 4.99 22.52 25.96
CA ALA A 106 6.40 22.93 25.72
C ALA A 106 6.79 23.92 26.83
N ARG A 107 8.09 24.08 27.08
CA ARG A 107 8.61 24.96 28.18
C ARG A 107 8.16 26.40 27.95
N LYS A 108 7.44 27.00 28.91
CA LYS A 108 7.13 28.46 28.94
C LYS A 108 8.34 29.23 29.45
N PRO A 109 8.47 30.54 29.13
CA PRO A 109 9.49 31.39 29.76
C PRO A 109 9.21 31.51 31.27
N GLY A 110 10.27 31.54 32.08
CA GLY A 110 10.20 31.57 33.56
C GLY A 110 10.21 30.18 34.14
N MET A 111 9.93 29.18 33.31
CA MET A 111 9.78 27.76 33.75
C MET A 111 11.17 27.14 33.83
N SER A 112 11.46 26.37 34.88
CA SER A 112 12.68 25.52 34.96
C SER A 112 12.41 24.18 34.25
N ARG A 113 13.46 23.38 34.03
CA ARG A 113 13.31 21.94 33.61
C ARG A 113 12.35 21.27 34.59
N ASP A 114 12.53 21.53 35.89
CA ASP A 114 11.75 20.91 36.99
C ASP A 114 10.26 21.22 36.82
N ASP A 115 9.96 22.44 36.40
CA ASP A 115 8.57 22.93 36.29
C ASP A 115 7.94 22.25 35.07
N LEU A 116 8.68 22.18 33.96
CA LEU A 116 8.26 21.47 32.72
C LEU A 116 7.95 20.01 33.06
N VAL A 117 8.83 19.34 33.81
CA VAL A 117 8.64 17.92 34.24
C VAL A 117 7.33 17.82 35.04
N THR A 118 7.20 18.64 36.08
CA THR A 118 6.08 18.64 37.06
C THR A 118 4.74 18.90 36.35
N THR A 119 4.71 19.85 35.41
CA THR A 119 3.52 20.25 34.64
C THR A 119 3.04 19.08 33.76
N ASN A 120 3.94 18.50 32.94
CA ASN A 120 3.59 17.36 32.05
C ASN A 120 3.23 16.14 32.93
N GLN A 121 3.96 15.86 34.01
CA GLN A 121 3.61 14.75 34.96
C GLN A 121 2.11 14.81 35.29
N LYS A 122 1.58 15.98 35.65
CA LYS A 122 0.15 16.18 36.02
C LYS A 122 -0.78 15.85 34.85
N ILE A 123 -0.41 16.29 33.65
CA ILE A 123 -1.18 16.02 32.40
C ILE A 123 -1.19 14.49 32.19
N MET A 124 -0.03 13.82 32.28
CA MET A 124 0.03 12.34 32.13
C MET A 124 -0.95 11.68 33.11
N LYS A 125 -0.89 12.04 34.39
CA LYS A 125 -1.72 11.45 35.47
C LYS A 125 -3.20 11.67 35.19
N GLN A 126 -3.57 12.91 34.79
CA GLN A 126 -4.98 13.28 34.54
C GLN A 126 -5.47 12.47 33.34
N VAL A 127 -4.69 12.50 32.27
CA VAL A 127 -5.03 11.75 31.02
C VAL A 127 -5.13 10.26 31.37
N THR A 128 -4.12 9.70 32.03
CA THR A 128 -4.05 8.22 32.25
C THR A 128 -5.27 7.76 33.08
N LYS A 129 -5.65 8.48 34.12
CA LYS A 129 -6.86 8.19 34.93
C LYS A 129 -8.09 7.99 34.03
N GLU A 130 -8.36 8.94 33.14
CA GLU A 130 -9.48 8.83 32.16
C GLU A 130 -9.28 7.63 31.23
N VAL A 131 -8.07 7.44 30.70
CA VAL A 131 -7.79 6.37 29.69
C VAL A 131 -8.15 5.02 30.32
N VAL A 132 -7.67 4.75 31.53
CA VAL A 132 -7.80 3.40 32.12
C VAL A 132 -9.24 3.20 32.62
N LYS A 133 -9.95 4.25 33.02
CA LYS A 133 -11.37 4.13 33.40
C LYS A 133 -12.12 3.47 32.25
N TYR A 134 -11.92 3.90 30.99
CA TYR A 134 -12.74 3.47 29.82
C TYR A 134 -12.08 2.35 29.02
N SER A 135 -10.76 2.15 29.17
CA SER A 135 -10.00 1.13 28.42
C SER A 135 -9.06 0.40 29.38
N PRO A 136 -9.62 -0.47 30.25
CA PRO A 136 -8.85 -1.13 31.30
C PRO A 136 -7.79 -2.11 30.77
N ASN A 137 -7.90 -2.53 29.49
CA ASN A 137 -7.07 -3.59 28.88
C ASN A 137 -6.21 -3.04 27.74
N CYS A 138 -6.13 -1.72 27.55
CA CYS A 138 -5.36 -1.15 26.43
C CYS A 138 -3.86 -1.20 26.70
N TYR A 139 -3.09 -1.12 25.63
CA TYR A 139 -1.64 -0.79 25.60
C TYR A 139 -1.54 0.72 25.40
N ILE A 140 -0.62 1.38 26.10
CA ILE A 140 -0.41 2.85 26.03
C ILE A 140 1.00 3.14 25.51
N ILE A 141 1.10 3.97 24.48
CA ILE A 141 2.36 4.49 23.90
C ILE A 141 2.40 5.99 24.15
N VAL A 142 3.50 6.46 24.74
CA VAL A 142 3.70 7.85 25.23
C VAL A 142 4.76 8.52 24.36
N LEU A 143 4.39 9.66 23.78
CA LEU A 143 5.32 10.60 23.08
C LEU A 143 5.82 11.66 24.06
N THR A 144 4.99 12.10 25.02
CA THR A 144 5.22 13.31 25.86
C THR A 144 6.63 13.36 26.44
N ASN A 145 7.34 14.47 26.19
CA ASN A 145 8.72 14.74 26.69
C ASN A 145 8.64 15.35 28.10
N PRO A 146 9.59 15.06 29.01
CA PRO A 146 10.66 14.06 28.80
C PRO A 146 10.11 12.62 28.93
N VAL A 147 10.24 11.83 27.86
CA VAL A 147 9.44 10.59 27.65
C VAL A 147 9.76 9.54 28.73
N ASP A 148 11.01 9.45 29.18
CA ASP A 148 11.44 8.48 30.23
C ASP A 148 10.59 8.70 31.48
N ALA A 149 10.56 9.93 31.97
CA ALA A 149 9.86 10.29 33.23
C ALA A 149 8.34 10.32 32.97
N MET A 150 7.88 10.71 31.77
CA MET A 150 6.42 10.77 31.47
C MET A 150 5.88 9.37 31.28
N THR A 151 6.59 8.47 30.59
CA THR A 151 6.13 7.07 30.43
C THR A 151 6.07 6.45 31.83
N TYR A 152 7.08 6.73 32.66
CA TYR A 152 7.12 6.19 34.03
C TYR A 152 5.83 6.67 34.73
N THR A 153 5.41 7.92 34.51
CA THR A 153 4.23 8.49 35.22
C THR A 153 3.00 7.69 34.79
N VAL A 154 2.88 7.44 33.48
CA VAL A 154 1.69 6.75 32.89
C VAL A 154 1.70 5.31 33.42
N PHE A 155 2.88 4.71 33.49
CA PHE A 155 3.05 3.33 34.01
C PHE A 155 2.42 3.25 35.41
N LYS A 156 2.91 4.08 36.33
CA LYS A 156 2.53 4.03 37.77
C LYS A 156 1.08 4.46 37.95
N GLU A 157 0.63 5.49 37.24
CA GLU A 157 -0.79 5.92 37.36
C GLU A 157 -1.72 4.81 36.84
N SER A 158 -1.36 4.09 35.77
CA SER A 158 -2.27 3.10 35.16
C SER A 158 -2.42 1.85 36.03
N GLY A 159 -1.40 1.46 36.80
CA GLY A 159 -1.35 0.15 37.49
C GLY A 159 -1.27 -1.01 36.51
N PHE A 160 -0.97 -0.76 35.22
CA PHE A 160 -0.78 -1.81 34.18
C PHE A 160 0.56 -2.51 34.40
N PRO A 161 0.70 -3.79 33.97
CA PRO A 161 2.00 -4.43 33.84
C PRO A 161 2.89 -3.70 32.81
N LYS A 162 4.22 -3.88 32.93
CA LYS A 162 5.28 -3.07 32.24
C LYS A 162 5.21 -3.27 30.73
N ASN A 163 4.70 -4.43 30.30
CA ASN A 163 4.64 -4.76 28.85
C ASN A 163 3.62 -3.85 28.18
N ARG A 164 2.69 -3.28 28.96
CA ARG A 164 1.51 -2.58 28.41
C ARG A 164 1.78 -1.07 28.25
N VAL A 165 2.85 -0.52 28.86
CA VAL A 165 3.12 0.95 28.83
C VAL A 165 4.53 1.22 28.31
N ILE A 166 4.60 1.90 27.16
CA ILE A 166 5.79 2.07 26.28
C ILE A 166 5.97 3.55 25.94
N GLY A 167 7.20 4.05 25.85
CA GLY A 167 7.46 5.37 25.25
C GLY A 167 8.13 5.25 23.91
N GLN A 168 8.03 6.29 23.10
CA GLN A 168 8.70 6.46 21.79
C GLN A 168 9.92 7.35 21.96
N SER A 169 11.08 6.96 21.41
CA SER A 169 12.28 7.83 21.36
C SER A 169 13.25 7.37 20.27
N GLY A 170 13.77 6.15 20.44
CA GLY A 170 14.80 5.59 19.56
C GLY A 170 14.33 5.52 18.12
N VAL A 171 13.06 5.22 17.86
CA VAL A 171 12.61 5.07 16.44
C VAL A 171 12.85 6.39 15.71
N LEU A 172 12.44 7.48 16.36
CA LEU A 172 12.56 8.85 15.78
C LEU A 172 14.05 9.14 15.55
N ASP A 173 14.91 8.96 16.55
CA ASP A 173 16.38 9.19 16.42
C ASP A 173 16.95 8.33 15.29
N THR A 174 16.61 7.04 15.23
CA THR A 174 17.08 6.15 14.13
C THR A 174 16.55 6.64 12.79
N ALA A 175 15.34 7.22 12.74
CA ALA A 175 14.78 7.74 11.47
C ALA A 175 15.67 8.89 10.99
N ARG A 176 15.99 9.83 11.88
CA ARG A 176 16.81 11.03 11.55
C ARG A 176 18.19 10.56 11.10
N PHE A 177 18.80 9.67 11.89
CA PHE A 177 20.13 9.09 11.62
C PHE A 177 20.12 8.48 10.20
N ARG A 178 19.20 7.57 9.91
CA ARG A 178 19.14 6.86 8.62
C ARG A 178 18.99 7.87 7.48
N THR A 179 18.17 8.91 7.66
CA THR A 179 17.95 9.96 6.64
C THR A 179 19.33 10.58 6.31
N PHE A 180 20.09 10.97 7.32
CA PHE A 180 21.41 11.66 7.19
C PHE A 180 22.43 10.72 6.55
N VAL A 181 22.45 9.45 6.96
CA VAL A 181 23.38 8.43 6.39
C VAL A 181 23.03 8.25 4.91
N ALA A 182 21.74 8.15 4.56
CA ALA A 182 21.28 7.89 3.17
C ALA A 182 21.68 9.05 2.24
N GLU A 183 21.63 10.30 2.72
CA GLU A 183 21.97 11.47 1.86
C GLU A 183 23.50 11.51 1.74
N GLU A 184 24.23 10.92 2.68
CA GLU A 184 25.72 10.91 2.69
C GLU A 184 26.19 9.92 1.64
N LEU A 185 25.63 8.71 1.63
CA LEU A 185 26.05 7.59 0.76
C LEU A 185 25.27 7.59 -0.57
N ASN A 186 24.21 8.38 -0.69
CA ASN A 186 23.29 8.43 -1.86
C ASN A 186 22.73 7.03 -2.19
N ILE A 187 22.05 6.42 -1.21
CA ILE A 187 21.38 5.07 -1.32
C ILE A 187 19.99 5.15 -0.65
N SER A 188 19.21 4.07 -0.80
CA SER A 188 17.84 3.97 -0.21
C SER A 188 17.92 4.02 1.32
N VAL A 189 17.08 4.84 1.95
CA VAL A 189 16.88 4.84 3.44
C VAL A 189 16.51 3.41 3.90
N LYS A 190 15.92 2.58 3.04
CA LYS A 190 15.46 1.20 3.42
C LYS A 190 16.67 0.30 3.75
N ASP A 191 17.86 0.62 3.21
CA ASP A 191 19.06 -0.24 3.36
C ASP A 191 20.00 0.33 4.44
N VAL A 192 19.62 1.43 5.12
CA VAL A 192 20.38 1.97 6.30
C VAL A 192 19.69 1.55 7.60
N THR A 193 20.49 1.22 8.61
CA THR A 193 20.08 0.96 10.02
C THR A 193 20.84 1.92 10.95
N GLY A 194 20.17 2.41 11.98
CA GLY A 194 20.79 3.03 13.16
C GLY A 194 20.49 2.23 14.42
N PHE A 195 21.32 2.38 15.43
CA PHE A 195 21.20 1.65 16.71
C PHE A 195 21.41 2.69 17.79
N VAL A 196 20.34 3.07 18.48
CA VAL A 196 20.43 4.08 19.58
C VAL A 196 19.84 3.47 20.84
N LEU A 197 20.63 3.50 21.91
CA LEU A 197 20.18 3.32 23.30
C LEU A 197 19.93 4.71 23.88
N GLY A 198 19.16 4.79 24.95
CA GLY A 198 18.89 6.07 25.63
C GLY A 198 18.04 7.00 24.79
N GLY A 199 18.03 8.28 25.15
CA GLY A 199 17.05 9.28 24.71
C GLY A 199 17.63 10.23 23.69
N HIS A 200 17.05 11.42 23.55
CA HIS A 200 17.43 12.49 22.57
C HIS A 200 18.65 13.27 23.09
N GLY A 201 19.25 14.12 22.25
CA GLY A 201 20.28 15.11 22.62
C GLY A 201 21.55 14.46 23.17
N ASP A 202 21.96 14.84 24.38
CA ASP A 202 23.23 14.35 25.00
C ASP A 202 22.96 13.01 25.69
N ASP A 203 21.70 12.69 25.98
CA ASP A 203 21.29 11.39 26.62
C ASP A 203 21.41 10.24 25.60
N MET A 204 21.53 10.55 24.32
CA MET A 204 21.54 9.53 23.23
C MET A 204 22.87 8.75 23.30
N VAL A 205 22.77 7.43 23.25
CA VAL A 205 23.94 6.52 23.24
C VAL A 205 23.87 5.72 21.93
N PRO A 206 24.33 6.31 20.80
CA PRO A 206 24.28 5.61 19.52
C PRO A 206 25.46 4.63 19.42
N LEU A 207 25.20 3.43 18.86
CA LEU A 207 26.24 2.40 18.59
C LEU A 207 26.52 2.40 17.09
N VAL A 208 27.46 3.23 16.61
CA VAL A 208 27.80 3.32 15.15
C VAL A 208 28.26 1.95 14.64
N ARG A 209 28.90 1.14 15.49
CA ARG A 209 29.39 -0.22 15.16
C ARG A 209 28.20 -1.17 14.88
N TYR A 210 27.02 -0.85 15.41
CA TYR A 210 25.77 -1.60 15.13
C TYR A 210 24.92 -0.82 14.13
N SER A 211 25.52 0.09 13.37
CA SER A 211 24.87 0.86 12.29
C SER A 211 25.52 0.51 10.96
N TYR A 212 24.71 0.24 9.94
CA TYR A 212 25.12 -0.42 8.67
C TYR A 212 24.46 0.26 7.47
N ALA A 213 24.99 -0.02 6.29
CA ALA A 213 24.32 0.18 4.98
C ALA A 213 24.37 -1.16 4.25
N GLY A 214 23.22 -1.73 3.92
CA GLY A 214 23.11 -3.09 3.35
C GLY A 214 23.88 -4.13 4.16
N GLY A 215 24.07 -3.91 5.47
CA GLY A 215 24.78 -4.84 6.38
C GLY A 215 26.24 -4.46 6.60
N ILE A 216 26.73 -3.44 5.90
CA ILE A 216 28.15 -2.97 5.96
C ILE A 216 28.27 -1.91 7.06
N PRO A 217 29.18 -2.09 8.05
CA PRO A 217 29.38 -1.09 9.08
C PRO A 217 29.65 0.28 8.47
N LEU A 218 29.00 1.30 9.01
CA LEU A 218 29.10 2.69 8.49
C LEU A 218 30.52 3.19 8.67
N GLU A 219 31.26 2.65 9.66
CA GLU A 219 32.68 3.06 9.90
C GLU A 219 33.57 2.72 8.68
N LYS A 220 33.19 1.71 7.90
CA LYS A 220 33.92 1.24 6.70
C LYS A 220 33.48 1.99 5.43
N LEU A 221 32.49 2.88 5.51
CA LEU A 221 31.89 3.54 4.31
C LEU A 221 31.89 5.07 4.44
N ILE A 222 31.92 5.58 5.67
CA ILE A 222 31.87 7.04 5.96
C ILE A 222 33.09 7.39 6.78
N PRO A 223 33.84 8.45 6.42
CA PRO A 223 34.99 8.89 7.22
C PRO A 223 34.53 9.39 8.59
N LYS A 224 35.33 9.15 9.62
CA LYS A 224 35.03 9.49 11.03
C LYS A 224 34.49 10.92 11.15
N ASP A 225 35.09 11.92 10.50
CA ASP A 225 34.69 13.35 10.68
C ASP A 225 33.21 13.53 10.27
N ARG A 226 32.81 12.99 9.12
CA ARG A 226 31.43 13.19 8.59
C ARG A 226 30.46 12.27 9.33
N LEU A 227 30.93 11.10 9.80
CA LEU A 227 30.09 10.17 10.60
C LEU A 227 29.79 10.85 11.94
N ASP A 228 30.81 11.45 12.58
CA ASP A 228 30.67 12.22 13.84
C ASP A 228 29.67 13.36 13.63
N ALA A 229 29.71 14.04 12.48
CA ALA A 229 28.81 15.19 12.21
C ALA A 229 27.37 14.68 12.13
N ILE A 230 27.19 13.48 11.56
CA ILE A 230 25.88 12.79 11.39
C ILE A 230 25.31 12.39 12.75
N VAL A 231 26.16 11.87 13.63
CA VAL A 231 25.76 11.45 14.99
C VAL A 231 25.36 12.71 15.75
N GLU A 232 26.09 13.81 15.52
CA GLU A 232 25.82 15.08 16.21
C GLU A 232 24.50 15.66 15.68
N ARG A 233 24.29 15.65 14.36
CA ARG A 233 23.04 16.13 13.70
C ARG A 233 21.86 15.32 14.25
N THR A 234 22.04 14.02 14.53
CA THR A 234 20.99 13.15 15.12
C THR A 234 20.65 13.66 16.53
N ARG A 235 21.65 13.97 17.35
CA ARG A 235 21.47 14.51 18.73
C ARG A 235 20.66 15.82 18.69
N LYS A 236 20.98 16.72 17.76
CA LYS A 236 20.35 18.06 17.59
C LYS A 236 19.12 18.00 16.68
N GLY A 237 18.70 16.83 16.24
CA GLY A 237 17.70 16.66 15.16
C GLY A 237 16.38 17.32 15.48
N GLY A 238 15.85 17.12 16.69
CA GLY A 238 14.59 17.71 17.18
C GLY A 238 14.65 19.23 17.11
N GLY A 239 15.79 19.81 17.54
CA GLY A 239 16.07 21.26 17.57
C GLY A 239 16.29 21.87 16.20
N GLU A 240 16.95 21.17 15.27
CA GLU A 240 17.06 21.61 13.85
C GLU A 240 15.65 21.88 13.29
N ILE A 241 14.66 21.03 13.61
CA ILE A 241 13.26 21.21 13.12
C ILE A 241 12.64 22.41 13.84
N VAL A 242 12.76 22.49 15.16
CA VAL A 242 12.24 23.65 15.94
C VAL A 242 12.74 24.97 15.32
N ASN A 243 14.03 25.05 14.96
CA ASN A 243 14.73 26.30 14.55
C ASN A 243 14.27 26.72 13.16
N LEU A 244 14.11 25.76 12.25
CA LEU A 244 13.55 26.01 10.88
C LEU A 244 12.08 26.45 10.97
N LEU A 245 11.24 25.73 11.71
CA LEU A 245 9.78 26.00 11.77
C LEU A 245 9.55 27.43 12.27
N GLY A 246 10.14 27.78 13.40
CA GLY A 246 9.95 29.09 14.04
C GLY A 246 8.97 29.01 15.20
N ASN A 247 7.90 28.20 15.08
CA ASN A 247 6.78 28.19 16.06
C ASN A 247 6.13 26.81 16.17
N GLY A 248 6.87 25.81 16.68
CA GLY A 248 6.38 24.45 16.98
C GLY A 248 7.52 23.44 16.84
N SER A 249 7.28 22.15 17.08
CA SER A 249 8.32 21.11 16.85
C SER A 249 7.91 20.18 15.70
N ALA A 250 8.77 19.19 15.41
CA ALA A 250 8.53 18.12 14.42
C ALA A 250 7.14 17.52 14.69
N TYR A 251 6.44 17.07 13.64
CA TYR A 251 5.21 16.23 13.75
C TYR A 251 5.23 15.03 12.79
N TYR A 252 5.78 15.13 11.58
CA TYR A 252 5.67 14.06 10.55
C TYR A 252 6.47 12.81 10.96
N ALA A 253 7.74 12.97 11.27
CA ALA A 253 8.62 11.85 11.73
C ALA A 253 8.19 11.36 13.11
N PRO A 254 7.88 12.22 14.11
CA PRO A 254 7.31 11.76 15.38
C PRO A 254 6.02 10.94 15.27
N ALA A 255 5.07 11.39 14.44
CA ALA A 255 3.82 10.63 14.20
C ALA A 255 4.17 9.28 13.56
N ALA A 256 5.00 9.27 12.49
CA ALA A 256 5.36 8.03 11.77
C ALA A 256 5.96 6.99 12.75
N SER A 257 6.84 7.43 13.64
CA SER A 257 7.54 6.63 14.69
C SER A 257 6.51 5.96 15.60
N LEU A 258 5.49 6.71 16.01
CA LEU A 258 4.41 6.21 16.88
C LEU A 258 3.61 5.15 16.13
N VAL A 259 3.38 5.42 14.85
CA VAL A 259 2.54 4.54 13.98
C VAL A 259 3.28 3.20 13.76
N GLU A 260 4.59 3.20 13.54
CA GLU A 260 5.36 1.93 13.38
C GLU A 260 5.21 1.09 14.64
N MET A 261 5.27 1.71 15.81
CA MET A 261 5.13 1.02 17.13
C MET A 261 3.69 0.51 17.34
N VAL A 262 2.66 1.28 16.96
CA VAL A 262 1.22 0.87 17.04
C VAL A 262 1.03 -0.37 16.14
N GLU A 263 1.54 -0.28 14.91
CA GLU A 263 1.41 -1.40 13.96
C GLU A 263 2.07 -2.67 14.51
N ALA A 264 3.27 -2.59 15.06
CA ALA A 264 3.99 -3.76 15.61
C ALA A 264 3.12 -4.48 16.67
N ILE A 265 2.40 -3.73 17.50
CA ILE A 265 1.50 -4.31 18.55
C ILE A 265 0.22 -4.86 17.89
N LEU A 266 -0.47 -4.08 17.04
CA LEU A 266 -1.82 -4.48 16.52
C LEU A 266 -1.72 -5.68 15.57
N LYS A 267 -0.63 -5.78 14.83
CA LYS A 267 -0.43 -6.88 13.84
C LYS A 267 0.51 -7.95 14.42
N ASP A 268 0.77 -7.88 15.73
CA ASP A 268 1.65 -8.80 16.51
C ASP A 268 2.87 -9.13 15.65
N GLN A 269 3.63 -8.10 15.24
CA GLN A 269 4.68 -8.28 14.23
C GLN A 269 5.97 -8.81 14.88
N ARG A 270 6.17 -8.59 16.18
CA ARG A 270 7.40 -8.96 16.92
C ARG A 270 8.60 -8.27 16.25
N ARG A 271 8.49 -6.95 16.05
CA ARG A 271 9.60 -6.13 15.51
C ARG A 271 10.66 -6.06 16.59
N ILE A 272 11.93 -5.95 16.18
CA ILE A 272 12.98 -5.40 17.08
C ILE A 272 13.03 -3.90 16.79
N LEU A 273 12.60 -3.10 17.76
CA LEU A 273 12.59 -1.62 17.66
C LEU A 273 13.09 -1.08 18.99
N PRO A 274 13.81 0.07 18.94
CA PRO A 274 14.20 0.76 20.16
C PRO A 274 12.94 1.42 20.74
N ALA A 275 12.83 1.40 22.06
CA ALA A 275 11.65 1.93 22.76
C ALA A 275 12.04 2.34 24.18
N ILE A 276 11.25 3.22 24.75
CA ILE A 276 11.36 3.61 26.18
C ILE A 276 10.63 2.51 26.96
N ALA A 277 11.41 1.67 27.65
CA ALA A 277 10.90 0.48 28.36
C ALA A 277 11.35 0.47 29.82
N TYR A 278 10.52 -0.16 30.66
CA TYR A 278 10.74 -0.29 32.12
C TYR A 278 11.72 -1.43 32.37
N LEU A 279 12.79 -1.13 33.10
CA LEU A 279 13.90 -2.07 33.37
C LEU A 279 13.75 -2.64 34.78
N GLU A 280 13.83 -3.95 34.91
CA GLU A 280 14.03 -4.59 36.22
C GLU A 280 15.29 -5.46 36.15
N GLY A 281 16.48 -4.83 36.03
CA GLY A 281 17.80 -5.50 36.05
C GLY A 281 18.56 -5.47 34.73
N GLU A 282 17.87 -5.26 33.60
CA GLU A 282 18.54 -5.23 32.28
C GLU A 282 19.57 -4.10 32.30
N TYR A 283 20.76 -4.37 31.74
CA TYR A 283 21.94 -3.47 31.68
C TYR A 283 22.42 -3.11 33.09
N GLY A 284 21.90 -3.82 34.09
CA GLY A 284 22.22 -3.63 35.52
C GLY A 284 21.34 -2.59 36.19
N TYR A 285 20.29 -2.07 35.53
CA TYR A 285 19.48 -0.93 36.02
C TYR A 285 18.09 -1.44 36.41
N GLU A 286 17.50 -0.87 37.48
CA GLU A 286 16.13 -1.23 37.92
C GLU A 286 15.28 0.02 38.18
N GLY A 287 13.97 -0.04 37.91
CA GLY A 287 13.00 0.92 38.45
C GLY A 287 12.94 2.18 37.60
N ILE A 288 13.51 2.11 36.39
CA ILE A 288 13.55 3.25 35.44
C ILE A 288 13.01 2.78 34.09
N TYR A 289 12.45 3.73 33.34
CA TYR A 289 12.25 3.63 31.88
C TYR A 289 13.56 4.12 31.24
N LEU A 290 13.98 3.46 30.17
CA LEU A 290 15.23 3.76 29.44
C LEU A 290 15.04 3.38 27.97
N GLY A 291 15.66 4.12 27.06
CA GLY A 291 15.70 3.77 25.64
C GLY A 291 16.57 2.54 25.38
N VAL A 292 15.96 1.42 24.97
CA VAL A 292 16.64 0.09 24.84
C VAL A 292 16.03 -0.66 23.65
N PRO A 293 16.74 -1.69 23.11
CA PRO A 293 16.16 -2.49 22.05
C PRO A 293 15.11 -3.39 22.70
N THR A 294 13.97 -3.56 22.05
CA THR A 294 12.82 -4.37 22.54
C THR A 294 12.28 -5.25 21.41
N ILE A 295 11.58 -6.32 21.77
CA ILE A 295 10.72 -7.02 20.80
C ILE A 295 9.31 -6.48 21.05
N LEU A 296 8.66 -5.97 20.00
CA LEU A 296 7.35 -5.27 20.11
C LEU A 296 6.32 -6.10 19.32
N GLY A 297 5.34 -6.67 20.00
CA GLY A 297 4.34 -7.57 19.38
C GLY A 297 3.01 -7.47 20.11
N GLY A 298 2.14 -8.46 19.94
CA GLY A 298 0.74 -8.39 20.39
C GLY A 298 0.62 -8.25 21.89
N ASN A 299 1.69 -8.54 22.62
CA ASN A 299 1.74 -8.42 24.09
C ASN A 299 2.43 -7.12 24.50
N GLY A 300 2.68 -6.22 23.54
CA GLY A 300 3.42 -4.98 23.83
C GLY A 300 4.90 -5.26 23.88
N ILE A 301 5.60 -4.91 24.96
CA ILE A 301 7.06 -5.20 25.06
C ILE A 301 7.21 -6.68 25.43
N GLU A 302 7.54 -7.52 24.45
CA GLU A 302 7.65 -8.99 24.66
C GLU A 302 8.91 -9.24 25.49
N LYS A 303 9.95 -8.43 25.29
CA LYS A 303 11.28 -8.62 25.90
C LYS A 303 12.10 -7.34 25.71
N VAL A 304 12.91 -6.99 26.71
CA VAL A 304 14.04 -6.03 26.59
C VAL A 304 15.27 -6.86 26.20
N ILE A 305 15.88 -6.57 25.04
CA ILE A 305 17.12 -7.26 24.58
C ILE A 305 18.31 -6.61 25.30
N GLU A 306 19.11 -7.41 26.01
CA GLU A 306 20.41 -7.02 26.61
C GLU A 306 21.56 -7.28 25.63
N LEU A 307 22.31 -6.24 25.33
CA LEU A 307 23.56 -6.36 24.54
C LEU A 307 24.72 -6.48 25.52
N GLU A 308 25.81 -7.05 25.03
CA GLU A 308 27.14 -7.00 25.67
C GLU A 308 27.77 -5.71 25.17
N LEU A 309 27.85 -4.70 26.03
CA LEU A 309 28.42 -3.37 25.68
C LEU A 309 29.91 -3.34 26.01
N THR A 310 30.67 -2.52 25.29
CA THR A 310 32.08 -2.21 25.62
C THR A 310 32.09 -1.39 26.92
N GLU A 311 33.28 -1.20 27.47
CA GLU A 311 33.47 -0.37 28.68
C GLU A 311 33.11 1.08 28.35
N GLU A 312 33.49 1.61 27.19
CA GLU A 312 33.09 3.00 26.79
C GLU A 312 31.56 3.12 26.74
N GLU A 313 30.91 2.11 26.16
CA GLU A 313 29.44 2.09 25.90
C GLU A 313 28.73 1.99 27.24
N LYS A 314 29.15 1.08 28.12
CA LYS A 314 28.63 0.97 29.52
C LYS A 314 28.73 2.32 30.22
N ALA A 315 29.85 3.03 30.04
CA ALA A 315 30.11 4.34 30.68
C ALA A 315 29.16 5.42 30.12
N ALA A 316 28.99 5.45 28.79
CA ALA A 316 28.04 6.37 28.12
C ALA A 316 26.59 6.07 28.59
N LEU A 317 26.18 4.81 28.69
CA LEU A 317 24.80 4.46 29.11
C LEU A 317 24.61 4.87 30.58
N ALA A 318 25.62 4.69 31.43
CA ALA A 318 25.55 5.05 32.86
C ALA A 318 25.35 6.57 32.97
N LYS A 319 26.03 7.38 32.15
CA LYS A 319 25.90 8.86 32.12
C LYS A 319 24.46 9.23 31.72
N SER A 320 23.93 8.59 30.69
CA SER A 320 22.54 8.75 30.19
C SER A 320 21.56 8.32 31.27
N VAL A 321 21.81 7.21 31.95
CA VAL A 321 20.90 6.74 33.04
C VAL A 321 20.89 7.74 34.20
N GLU A 322 21.98 8.47 34.44
CA GLU A 322 22.07 9.46 35.56
C GLU A 322 21.15 10.65 35.22
N SER A 323 21.17 11.06 33.94
CA SER A 323 20.25 12.04 33.31
C SER A 323 18.79 11.60 33.52
N VAL A 324 18.48 10.31 33.29
CA VAL A 324 17.12 9.73 33.53
C VAL A 324 16.77 9.81 35.01
N LYS A 325 17.65 9.36 35.89
CA LYS A 325 17.40 9.44 37.35
C LYS A 325 17.25 10.90 37.77
N ASN A 326 18.04 11.83 37.24
CA ASN A 326 17.97 13.25 37.69
C ASN A 326 16.56 13.78 37.43
N VAL A 327 16.01 13.50 36.25
CA VAL A 327 14.65 13.94 35.85
C VAL A 327 13.63 13.22 36.75
N MET A 328 13.82 11.93 37.01
CA MET A 328 12.85 11.15 37.83
C MET A 328 12.74 11.79 39.23
N ARG A 329 13.82 12.34 39.76
CA ARG A 329 13.82 13.06 41.08
C ARG A 329 12.92 14.31 40.99
N MET A 330 12.76 14.92 39.81
CA MET A 330 11.91 16.13 39.66
C MET A 330 10.41 15.76 39.84
N LEU A 331 10.02 14.49 39.70
CA LEU A 331 8.59 14.10 39.78
C LEU A 331 8.11 14.33 41.22
N GLU A 332 6.85 14.74 41.39
CA GLU A 332 6.22 14.87 42.73
C GLU A 332 5.55 13.53 43.06
N ALA B 22 18.12 5.68 -19.09
CA ALA B 22 18.16 6.08 -17.64
C ALA B 22 16.73 6.23 -17.09
N MET B 23 16.24 5.23 -16.35
CA MET B 23 14.97 5.31 -15.57
C MET B 23 15.14 6.43 -14.54
N LYS B 24 14.35 7.50 -14.63
CA LYS B 24 14.45 8.61 -13.65
C LYS B 24 13.07 8.87 -13.05
N ARG B 25 13.04 9.34 -11.79
CA ARG B 25 11.81 9.59 -10.99
C ARG B 25 11.04 10.78 -11.55
N LYS B 26 9.72 10.66 -11.56
CA LYS B 26 8.82 11.82 -11.75
C LYS B 26 9.25 12.88 -10.74
N LYS B 27 9.08 14.14 -11.13
CA LYS B 27 9.31 15.30 -10.25
C LYS B 27 8.00 16.07 -10.18
N ILE B 28 7.59 16.38 -8.95
CA ILE B 28 6.35 17.14 -8.63
C ILE B 28 6.76 18.31 -7.72
N SER B 29 6.45 19.52 -8.19
CA SER B 29 6.59 20.73 -7.35
C SER B 29 5.22 21.06 -6.76
N VAL B 30 5.21 21.38 -5.48
CA VAL B 30 3.99 21.85 -4.76
C VAL B 30 4.26 23.28 -4.34
N ILE B 31 3.49 24.20 -4.92
CA ILE B 31 3.60 25.66 -4.68
C ILE B 31 2.65 25.99 -3.56
N GLY B 32 3.16 26.53 -2.45
CA GLY B 32 2.39 26.76 -1.22
C GLY B 32 2.70 25.72 -0.16
N ALA B 33 3.12 26.17 1.02
CA ALA B 33 3.63 25.30 2.09
C ALA B 33 2.72 25.38 3.32
N GLY B 34 1.50 25.87 3.15
CA GLY B 34 0.47 25.80 4.20
C GLY B 34 0.00 24.36 4.34
N PHE B 35 -1.00 24.15 5.16
CA PHE B 35 -1.50 22.80 5.55
C PHE B 35 -1.87 21.97 4.30
N THR B 36 -2.56 22.55 3.33
CA THR B 36 -2.97 21.78 2.13
C THR B 36 -1.75 21.42 1.28
N GLY B 37 -0.89 22.39 0.97
CA GLY B 37 0.37 22.14 0.26
C GLY B 37 1.25 21.08 0.93
N ALA B 38 1.53 21.24 2.21
CA ALA B 38 2.36 20.31 3.00
C ALA B 38 1.75 18.91 2.94
N THR B 39 0.46 18.78 3.22
CA THR B 39 -0.26 17.48 3.24
C THR B 39 -0.16 16.85 1.85
N THR B 40 -0.28 17.64 0.78
CA THR B 40 -0.17 17.16 -0.62
C THR B 40 1.24 16.61 -0.86
N ALA B 41 2.28 17.33 -0.47
CA ALA B 41 3.69 16.89 -0.64
C ALA B 41 3.87 15.53 0.07
N PHE B 42 3.44 15.47 1.32
CA PHE B 42 3.62 14.28 2.20
C PHE B 42 2.93 13.06 1.58
N LEU B 43 1.71 13.25 1.09
CA LEU B 43 0.92 12.15 0.45
C LEU B 43 1.63 11.72 -0.85
N LEU B 44 2.15 12.66 -1.67
CA LEU B 44 2.78 12.30 -2.96
C LEU B 44 4.03 11.45 -2.70
N ALA B 45 4.78 11.79 -1.66
CA ALA B 45 6.04 11.14 -1.28
C ALA B 45 5.75 9.75 -0.73
N GLN B 46 4.78 9.67 0.19
CA GLN B 46 4.29 8.42 0.84
C GLN B 46 3.94 7.40 -0.25
N LYS B 47 3.32 7.86 -1.34
CA LYS B 47 2.89 7.03 -2.48
C LYS B 47 4.06 6.80 -3.46
N GLU B 48 5.25 7.33 -3.22
CA GLU B 48 6.45 7.16 -4.09
C GLU B 48 6.10 7.55 -5.54
N LEU B 49 5.25 8.55 -5.73
CA LEU B 49 4.82 8.99 -7.08
C LEU B 49 5.96 9.79 -7.75
N GLY B 50 6.89 10.30 -6.95
CA GLY B 50 8.10 10.97 -7.45
C GLY B 50 8.78 11.81 -6.38
N ASP B 51 9.83 12.51 -6.79
CA ASP B 51 10.55 13.51 -5.96
C ASP B 51 9.66 14.75 -5.86
N VAL B 52 9.60 15.33 -4.67
CA VAL B 52 8.66 16.43 -4.33
C VAL B 52 9.49 17.65 -3.92
N VAL B 53 9.17 18.80 -4.51
CA VAL B 53 9.80 20.10 -4.18
C VAL B 53 8.67 20.95 -3.63
N LEU B 54 8.75 21.25 -2.34
CA LEU B 54 7.79 22.12 -1.64
C LEU B 54 8.35 23.54 -1.79
N VAL B 55 7.53 24.46 -2.32
CA VAL B 55 7.96 25.84 -2.68
C VAL B 55 7.11 26.83 -1.90
N ASP B 56 7.73 27.85 -1.29
CA ASP B 56 6.98 29.05 -0.80
C ASP B 56 7.87 30.29 -0.90
N ILE B 57 7.39 31.42 -0.38
CA ILE B 57 8.01 32.76 -0.57
C ILE B 57 9.33 32.78 0.19
N PRO B 58 10.31 33.62 -0.22
CA PRO B 58 11.54 33.84 0.56
C PRO B 58 11.36 33.99 2.07
N GLN B 59 10.33 34.73 2.51
CA GLN B 59 10.08 35.05 3.94
C GLN B 59 9.77 33.77 4.75
N LEU B 60 9.44 32.66 4.08
CA LEU B 60 9.04 31.38 4.75
C LEU B 60 9.97 30.26 4.28
N GLU B 61 11.14 30.60 3.72
CA GLU B 61 12.11 29.59 3.25
C GLU B 61 12.43 28.59 4.37
N ASN B 62 12.63 29.06 5.60
CA ASN B 62 13.08 28.21 6.73
C ASN B 62 11.94 27.27 7.17
N PRO B 63 10.74 27.78 7.50
CA PRO B 63 9.59 26.90 7.76
C PRO B 63 9.33 25.88 6.62
N THR B 64 9.41 26.29 5.35
CA THR B 64 9.25 25.39 4.17
C THR B 64 10.30 24.27 4.17
N LYS B 65 11.59 24.56 4.39
CA LYS B 65 12.68 23.55 4.49
C LYS B 65 12.45 22.62 5.70
N GLY B 66 11.91 23.16 6.79
CA GLY B 66 11.71 22.43 8.07
C GLY B 66 10.59 21.40 7.97
N LYS B 67 9.50 21.76 7.31
CA LYS B 67 8.37 20.82 7.05
C LYS B 67 8.84 19.71 6.10
N ALA B 68 9.60 20.06 5.06
CA ALA B 68 10.10 19.14 4.02
C ALA B 68 11.08 18.13 4.64
N LEU B 69 11.95 18.60 5.55
CA LEU B 69 12.98 17.76 6.21
C LEU B 69 12.31 16.81 7.20
N ASP B 70 11.37 17.32 8.00
CA ASP B 70 10.46 16.51 8.86
C ASP B 70 9.80 15.39 8.04
N MET B 71 9.13 15.70 6.94
CA MET B 71 8.51 14.69 6.04
C MET B 71 9.56 13.68 5.61
N LEU B 72 10.75 14.16 5.19
CA LEU B 72 11.86 13.30 4.71
C LEU B 72 12.31 12.35 5.83
N GLU B 73 12.36 12.85 7.06
CA GLU B 73 12.84 12.09 8.25
C GLU B 73 11.85 10.98 8.63
N ALA B 74 10.60 11.10 8.14
CA ALA B 74 9.52 10.10 8.33
C ALA B 74 9.71 8.93 7.37
N SER B 75 10.40 9.12 6.23
CA SER B 75 10.49 8.18 5.06
C SER B 75 11.11 6.84 5.45
N PRO B 76 12.19 6.76 6.26
CA PRO B 76 12.69 5.47 6.73
C PRO B 76 11.70 4.64 7.58
N VAL B 77 10.93 5.32 8.42
CA VAL B 77 9.91 4.72 9.32
C VAL B 77 8.70 4.25 8.50
N LEU B 78 8.17 5.06 7.57
CA LEU B 78 6.99 4.67 6.72
C LEU B 78 7.45 3.82 5.52
N GLY B 79 8.73 3.92 5.16
CA GLY B 79 9.41 3.00 4.23
C GLY B 79 9.11 3.37 2.80
N PHE B 80 9.41 4.61 2.41
CA PHE B 80 9.28 5.09 1.01
C PHE B 80 10.59 5.77 0.58
N ASP B 81 11.01 5.49 -0.65
CA ASP B 81 12.11 6.19 -1.35
C ASP B 81 11.48 7.34 -2.11
N ALA B 82 11.51 8.53 -1.54
CA ALA B 82 11.11 9.77 -2.22
C ALA B 82 11.93 10.88 -1.58
N ASN B 83 12.49 11.75 -2.40
CA ASN B 83 13.20 12.96 -1.93
C ASN B 83 12.19 14.09 -1.78
N ILE B 84 12.30 14.84 -0.69
CA ILE B 84 11.43 16.00 -0.39
C ILE B 84 12.36 17.11 0.07
N ILE B 85 12.31 18.26 -0.60
CA ILE B 85 13.11 19.45 -0.24
C ILE B 85 12.17 20.64 -0.22
N GLY B 86 12.31 21.52 0.77
CA GLY B 86 11.74 22.89 0.79
C GLY B 86 12.67 23.85 0.09
N THR B 87 12.13 24.95 -0.47
CA THR B 87 12.89 25.97 -1.21
C THR B 87 12.04 27.23 -1.39
N SER B 88 12.69 28.32 -1.80
CA SER B 88 12.06 29.51 -2.41
C SER B 88 12.69 29.80 -3.77
N ASP B 89 13.63 28.94 -4.21
CA ASP B 89 14.28 29.11 -5.54
C ASP B 89 13.56 28.18 -6.52
N TYR B 90 12.85 28.80 -7.46
CA TYR B 90 12.01 28.13 -8.46
C TYR B 90 12.90 27.37 -9.46
N ALA B 91 14.21 27.66 -9.51
CA ALA B 91 15.20 26.88 -10.29
C ALA B 91 15.18 25.42 -9.83
N ASP B 92 14.94 25.20 -8.53
CA ASP B 92 14.81 23.88 -7.88
C ASP B 92 13.53 23.15 -8.35
N THR B 93 12.62 23.81 -9.07
CA THR B 93 11.43 23.14 -9.68
C THR B 93 11.69 22.63 -11.11
N ALA B 94 12.88 22.85 -11.67
CA ALA B 94 13.18 22.64 -13.12
C ALA B 94 12.86 21.20 -13.53
N ASP B 95 12.22 21.03 -14.69
CA ASP B 95 11.92 19.69 -15.27
C ASP B 95 10.93 18.97 -14.34
N SER B 96 10.04 19.72 -13.70
CA SER B 96 8.88 19.16 -12.94
C SER B 96 7.92 18.58 -13.97
N ASP B 97 7.45 17.35 -13.78
CA ASP B 97 6.48 16.72 -14.70
C ASP B 97 5.12 17.33 -14.39
N ILE B 98 4.90 17.63 -13.12
CA ILE B 98 3.62 18.20 -12.63
C ILE B 98 3.94 19.24 -11.58
N VAL B 99 3.12 20.27 -11.55
CA VAL B 99 3.15 21.31 -10.50
C VAL B 99 1.74 21.51 -9.96
N VAL B 100 1.65 21.52 -8.64
CA VAL B 100 0.38 21.66 -7.89
C VAL B 100 0.43 23.03 -7.22
N ILE B 101 -0.47 23.92 -7.63
CA ILE B 101 -0.51 25.31 -7.07
C ILE B 101 -1.55 25.37 -5.97
N THR B 102 -1.11 25.66 -4.76
CA THR B 102 -1.98 25.70 -3.57
C THR B 102 -1.87 27.08 -2.89
N ALA B 103 -1.05 27.97 -3.45
CA ALA B 103 -0.80 29.33 -2.91
C ALA B 103 -2.09 30.14 -3.08
N GLY B 104 -2.18 31.25 -2.38
CA GLY B 104 -3.36 32.11 -2.41
C GLY B 104 -3.80 32.51 -1.04
N ILE B 105 -4.72 33.45 -0.99
CA ILE B 105 -5.24 34.20 0.19
C ILE B 105 -6.67 33.73 0.48
N ALA B 106 -7.05 33.64 1.76
CA ALA B 106 -8.46 33.57 2.20
C ALA B 106 -8.90 35.01 2.43
N ARG B 107 -10.20 35.30 2.36
CA ARG B 107 -10.75 36.66 2.57
C ARG B 107 -10.74 36.98 4.07
N LYS B 108 -10.71 38.27 4.41
CA LYS B 108 -10.89 38.78 5.79
C LYS B 108 -12.18 39.61 5.85
N PRO B 109 -12.80 39.75 7.04
CA PRO B 109 -13.77 40.81 7.27
C PRO B 109 -13.33 42.13 6.61
N GLY B 110 -14.21 42.74 5.80
CA GLY B 110 -13.96 44.03 5.15
C GLY B 110 -13.43 43.91 3.72
N MET B 111 -12.95 42.74 3.29
CA MET B 111 -12.31 42.61 1.94
C MET B 111 -13.40 42.52 0.86
N SER B 112 -13.32 43.33 -0.19
CA SER B 112 -14.27 43.31 -1.35
C SER B 112 -14.17 41.96 -2.08
N ARG B 113 -15.24 41.51 -2.72
CA ARG B 113 -15.19 40.30 -3.59
C ARG B 113 -14.04 40.52 -4.57
N ASP B 114 -14.04 41.69 -5.19
CA ASP B 114 -13.06 42.11 -6.21
C ASP B 114 -11.62 41.94 -5.68
N ASP B 115 -11.34 42.37 -4.45
CA ASP B 115 -9.96 42.40 -3.89
C ASP B 115 -9.47 40.96 -3.65
N LEU B 116 -10.35 40.06 -3.21
CA LEU B 116 -9.99 38.63 -2.98
C LEU B 116 -9.53 38.05 -4.32
N VAL B 117 -10.35 38.26 -5.35
CA VAL B 117 -10.10 37.74 -6.73
C VAL B 117 -8.78 38.34 -7.22
N THR B 118 -8.67 39.66 -7.20
CA THR B 118 -7.50 40.36 -7.80
C THR B 118 -6.21 39.99 -7.05
N THR B 119 -6.24 39.90 -5.72
CA THR B 119 -5.05 39.50 -4.90
C THR B 119 -4.59 38.11 -5.35
N ASN B 120 -5.53 37.17 -5.42
CA ASN B 120 -5.22 35.76 -5.78
C ASN B 120 -4.82 35.72 -7.27
N GLN B 121 -5.43 36.54 -8.13
CA GLN B 121 -5.03 36.60 -9.57
C GLN B 121 -3.54 36.97 -9.69
N LYS B 122 -3.05 37.88 -8.85
CA LYS B 122 -1.67 38.43 -8.97
C LYS B 122 -0.67 37.35 -8.53
N ILE B 123 -1.01 36.62 -7.46
CA ILE B 123 -0.23 35.43 -7.01
C ILE B 123 -0.11 34.42 -8.17
N MET B 124 -1.25 34.06 -8.81
CA MET B 124 -1.31 33.02 -9.88
C MET B 124 -0.33 33.43 -11.00
N LYS B 125 -0.32 34.71 -11.38
CA LYS B 125 0.51 35.26 -12.49
C LYS B 125 2.00 35.13 -12.14
N GLN B 126 2.37 35.56 -10.94
CA GLN B 126 3.76 35.55 -10.43
C GLN B 126 4.25 34.09 -10.34
N VAL B 127 3.41 33.20 -9.81
CA VAL B 127 3.78 31.76 -9.66
C VAL B 127 3.94 31.14 -11.05
N THR B 128 2.97 31.34 -11.93
CA THR B 128 2.94 30.65 -13.24
C THR B 128 4.19 31.04 -14.05
N LYS B 129 4.58 32.31 -14.01
CA LYS B 129 5.75 32.85 -14.78
C LYS B 129 7.00 32.05 -14.41
N GLU B 130 7.26 31.92 -13.10
CA GLU B 130 8.37 31.14 -12.52
C GLU B 130 8.26 29.65 -12.91
N VAL B 131 7.06 29.05 -12.82
CA VAL B 131 6.81 27.62 -13.13
C VAL B 131 7.19 27.34 -14.59
N VAL B 132 6.64 28.10 -15.56
CA VAL B 132 6.71 27.73 -17.01
C VAL B 132 8.14 27.96 -17.51
N LYS B 133 8.86 28.89 -16.88
CA LYS B 133 10.30 29.17 -17.13
C LYS B 133 11.10 27.91 -16.83
N TYR B 134 10.88 27.30 -15.66
CA TYR B 134 11.71 26.16 -15.19
C TYR B 134 11.08 24.84 -15.64
N SER B 135 9.78 24.77 -15.91
CA SER B 135 9.15 23.50 -16.40
C SER B 135 8.19 23.79 -17.55
N PRO B 136 8.72 24.07 -18.76
CA PRO B 136 7.90 24.54 -19.87
C PRO B 136 7.01 23.41 -20.39
N ASN B 137 7.22 22.16 -19.94
CA ASN B 137 6.50 20.97 -20.44
C ASN B 137 5.65 20.33 -19.34
N CYS B 138 5.52 20.97 -18.19
CA CYS B 138 4.80 20.36 -17.04
C CYS B 138 3.28 20.42 -17.28
N TYR B 139 2.57 19.59 -16.53
CA TYR B 139 1.11 19.69 -16.30
C TYR B 139 0.95 20.53 -15.03
N ILE B 140 -0.08 21.38 -14.97
CA ILE B 140 -0.35 22.21 -13.78
C ILE B 140 -1.77 21.91 -13.27
N ILE B 141 -1.85 21.63 -11.96
CA ILE B 141 -3.12 21.40 -11.23
C ILE B 141 -3.28 22.52 -10.20
N VAL B 142 -4.38 23.26 -10.28
CA VAL B 142 -4.65 24.45 -9.41
C VAL B 142 -5.72 24.11 -8.37
N LEU B 143 -5.48 24.51 -7.13
CA LEU B 143 -6.48 24.46 -6.02
C LEU B 143 -7.02 25.87 -5.73
N THR B 144 -6.20 26.91 -5.89
CA THR B 144 -6.49 28.28 -5.39
C THR B 144 -7.92 28.74 -5.71
N ASN B 145 -8.69 29.09 -4.68
CA ASN B 145 -10.04 29.71 -4.71
C ASN B 145 -9.93 31.14 -5.25
N PRO B 146 -10.87 31.67 -6.07
CA PRO B 146 -11.90 30.89 -6.75
C PRO B 146 -11.29 30.13 -7.94
N VAL B 147 -11.41 28.81 -7.92
CA VAL B 147 -10.60 27.88 -8.75
C VAL B 147 -10.87 28.07 -10.26
N ASP B 148 -12.11 28.39 -10.65
CA ASP B 148 -12.46 28.61 -12.09
C ASP B 148 -11.65 29.80 -12.61
N ALA B 149 -11.70 30.95 -11.95
CA ALA B 149 -11.02 32.16 -12.45
C ALA B 149 -9.51 32.03 -12.23
N MET B 150 -9.07 31.22 -11.26
CA MET B 150 -7.62 31.13 -10.94
C MET B 150 -6.98 30.16 -11.92
N THR B 151 -7.68 29.09 -12.27
CA THR B 151 -7.19 28.10 -13.27
C THR B 151 -7.15 28.79 -14.65
N TYR B 152 -8.15 29.59 -14.96
CA TYR B 152 -8.23 30.42 -16.18
C TYR B 152 -6.97 31.30 -16.25
N THR B 153 -6.66 32.00 -15.16
CA THR B 153 -5.52 32.93 -15.01
C THR B 153 -4.21 32.19 -15.26
N VAL B 154 -4.00 31.05 -14.60
CA VAL B 154 -2.79 30.21 -14.78
C VAL B 154 -2.68 29.82 -16.26
N PHE B 155 -3.78 29.37 -16.86
CA PHE B 155 -3.87 28.94 -18.28
C PHE B 155 -3.35 30.07 -19.18
N LYS B 156 -3.97 31.25 -19.11
CA LYS B 156 -3.66 32.40 -20.00
C LYS B 156 -2.20 32.79 -19.79
N GLU B 157 -1.76 32.89 -18.55
CA GLU B 157 -0.37 33.30 -18.23
C GLU B 157 0.61 32.24 -18.77
N SER B 158 0.22 30.96 -18.77
CA SER B 158 1.16 29.85 -18.96
C SER B 158 1.53 29.71 -20.45
N GLY B 159 0.59 30.06 -21.33
CA GLY B 159 0.70 29.81 -22.78
C GLY B 159 0.55 28.34 -23.11
N PHE B 160 0.23 27.47 -22.12
CA PHE B 160 0.10 26.01 -22.34
C PHE B 160 -1.18 25.72 -23.12
N PRO B 161 -1.21 24.60 -23.85
CA PRO B 161 -2.48 24.11 -24.37
C PRO B 161 -3.40 23.67 -23.20
N LYS B 162 -4.71 23.71 -23.43
CA LYS B 162 -5.73 23.54 -22.38
C LYS B 162 -5.64 22.17 -21.68
N ASN B 163 -5.11 21.13 -22.34
CA ASN B 163 -4.97 19.78 -21.69
C ASN B 163 -3.99 19.82 -20.50
N ARG B 164 -3.12 20.84 -20.37
CA ARG B 164 -2.03 20.84 -19.36
C ARG B 164 -2.35 21.75 -18.16
N VAL B 165 -3.51 22.40 -18.14
CA VAL B 165 -3.88 23.28 -16.98
C VAL B 165 -5.28 22.85 -16.51
N ILE B 166 -5.33 22.26 -15.32
CA ILE B 166 -6.54 21.66 -14.67
C ILE B 166 -6.76 22.35 -13.32
N GLY B 167 -8.01 22.48 -12.90
CA GLY B 167 -8.34 22.87 -11.51
C GLY B 167 -9.00 21.72 -10.77
N GLN B 168 -8.90 21.76 -9.44
CA GLN B 168 -9.54 20.77 -8.52
C GLN B 168 -10.79 21.41 -7.95
N SER B 169 -11.90 20.70 -7.96
CA SER B 169 -13.11 21.14 -7.26
C SER B 169 -14.03 19.95 -6.97
N GLY B 170 -14.39 19.24 -8.03
CA GLY B 170 -15.45 18.23 -8.06
C GLY B 170 -15.04 17.00 -7.28
N VAL B 171 -13.75 16.66 -7.26
CA VAL B 171 -13.25 15.47 -6.50
C VAL B 171 -13.54 15.66 -5.01
N LEU B 172 -13.18 16.82 -4.47
CA LEU B 172 -13.41 17.15 -3.04
C LEU B 172 -14.92 17.12 -2.77
N ASP B 173 -15.77 17.70 -3.64
CA ASP B 173 -17.22 17.70 -3.40
C ASP B 173 -17.72 16.26 -3.35
N THR B 174 -17.35 15.43 -4.33
CA THR B 174 -17.79 14.01 -4.37
C THR B 174 -17.26 13.29 -3.13
N ALA B 175 -16.05 13.60 -2.66
CA ALA B 175 -15.49 13.00 -1.41
C ALA B 175 -16.43 13.27 -0.21
N ARG B 176 -16.90 14.51 -0.03
CA ARG B 176 -17.80 14.85 1.12
C ARG B 176 -19.15 14.15 0.89
N PHE B 177 -19.71 14.29 -0.30
CA PHE B 177 -20.96 13.62 -0.72
C PHE B 177 -20.91 12.12 -0.38
N ARG B 178 -19.83 11.44 -0.76
CA ARG B 178 -19.65 9.98 -0.52
C ARG B 178 -19.55 9.68 1.00
N THR B 179 -18.85 10.53 1.74
CA THR B 179 -18.70 10.40 3.21
C THR B 179 -20.10 10.44 3.85
N PHE B 180 -20.91 11.45 3.55
CA PHE B 180 -22.28 11.62 4.11
C PHE B 180 -23.17 10.45 3.70
N VAL B 181 -23.15 10.03 2.43
CA VAL B 181 -24.00 8.91 1.91
C VAL B 181 -23.62 7.63 2.64
N ALA B 182 -22.31 7.38 2.80
CA ALA B 182 -21.77 6.17 3.47
C ALA B 182 -22.28 6.14 4.90
N GLU B 183 -22.25 7.30 5.57
CA GLU B 183 -22.74 7.45 6.97
C GLU B 183 -24.25 7.20 7.01
N GLU B 184 -25.02 7.79 6.09
CA GLU B 184 -26.49 7.56 5.99
C GLU B 184 -26.81 6.08 5.80
N LEU B 185 -26.07 5.33 4.96
CA LEU B 185 -26.45 3.96 4.57
C LEU B 185 -25.69 2.95 5.41
N ASN B 186 -24.69 3.37 6.20
CA ASN B 186 -23.77 2.46 6.92
C ASN B 186 -23.18 1.41 5.95
N ILE B 187 -22.46 1.87 4.92
CA ILE B 187 -21.74 1.01 3.93
C ILE B 187 -20.36 1.64 3.67
N SER B 188 -19.46 0.88 3.08
CA SER B 188 -18.13 1.38 2.65
C SER B 188 -18.28 2.58 1.72
N VAL B 189 -17.51 3.62 1.99
CA VAL B 189 -17.34 4.80 1.07
C VAL B 189 -16.88 4.28 -0.31
N LYS B 190 -16.24 3.12 -0.37
CA LYS B 190 -15.71 2.51 -1.63
C LYS B 190 -16.84 2.22 -2.61
N ASP B 191 -18.08 2.00 -2.15
CA ASP B 191 -19.20 1.53 -2.99
C ASP B 191 -20.22 2.65 -3.20
N VAL B 192 -19.92 3.85 -2.71
CA VAL B 192 -20.75 5.07 -2.92
C VAL B 192 -20.11 5.90 -4.02
N THR B 193 -20.91 6.42 -4.95
CA THR B 193 -20.40 7.37 -5.96
C THR B 193 -21.23 8.66 -5.89
N GLY B 194 -20.56 9.78 -6.10
CA GLY B 194 -21.19 11.10 -6.35
C GLY B 194 -20.91 11.57 -7.76
N PHE B 195 -21.73 12.47 -8.27
CA PHE B 195 -21.52 13.05 -9.60
C PHE B 195 -21.76 14.55 -9.50
N VAL B 196 -20.73 15.39 -9.61
CA VAL B 196 -20.97 16.85 -9.61
C VAL B 196 -20.28 17.57 -10.79
N LEU B 197 -21.07 18.42 -11.46
CA LEU B 197 -20.64 19.49 -12.39
C LEU B 197 -20.52 20.78 -11.57
N GLY B 198 -19.90 21.81 -12.13
CA GLY B 198 -19.75 23.12 -11.51
C GLY B 198 -18.89 23.09 -10.27
N GLY B 199 -18.84 24.23 -9.59
CA GLY B 199 -17.92 24.44 -8.46
C GLY B 199 -18.55 24.10 -7.14
N HIS B 200 -18.22 24.87 -6.11
CA HIS B 200 -18.58 24.61 -4.70
C HIS B 200 -19.87 25.35 -4.36
N GLY B 201 -20.54 24.96 -3.27
CA GLY B 201 -21.62 25.78 -2.70
C GLY B 201 -22.80 25.94 -3.64
N ASP B 202 -23.26 27.18 -3.81
CA ASP B 202 -24.43 27.50 -4.67
C ASP B 202 -24.14 27.13 -6.13
N ASP B 203 -22.86 27.09 -6.53
CA ASP B 203 -22.38 26.82 -7.92
C ASP B 203 -22.30 25.33 -8.24
N MET B 204 -22.33 24.45 -7.24
CA MET B 204 -22.36 22.98 -7.45
C MET B 204 -23.64 22.59 -8.17
N VAL B 205 -23.50 21.73 -9.18
CA VAL B 205 -24.61 21.10 -9.93
C VAL B 205 -24.50 19.59 -9.79
N PRO B 206 -25.06 19.04 -8.70
CA PRO B 206 -25.00 17.60 -8.46
C PRO B 206 -26.02 16.88 -9.33
N LEU B 207 -25.69 15.65 -9.68
CA LEU B 207 -26.57 14.71 -10.40
C LEU B 207 -26.80 13.51 -9.50
N VAL B 208 -27.77 13.61 -8.58
CA VAL B 208 -28.14 12.47 -7.71
C VAL B 208 -28.60 11.31 -8.60
N ARG B 209 -29.12 11.57 -9.79
CA ARG B 209 -29.61 10.47 -10.66
C ARG B 209 -28.41 9.66 -11.18
N TYR B 210 -27.21 10.22 -11.17
CA TYR B 210 -25.97 9.49 -11.53
C TYR B 210 -25.13 9.17 -10.29
N SER B 211 -25.77 9.10 -9.10
CA SER B 211 -25.11 8.82 -7.79
C SER B 211 -25.66 7.50 -7.21
N TYR B 212 -24.78 6.60 -6.77
CA TYR B 212 -25.16 5.19 -6.51
C TYR B 212 -24.55 4.71 -5.20
N ALA B 213 -25.12 3.61 -4.73
CA ALA B 213 -24.57 2.73 -3.69
C ALA B 213 -24.52 1.32 -4.29
N GLY B 214 -23.32 0.83 -4.57
CA GLY B 214 -23.08 -0.46 -5.25
C GLY B 214 -23.81 -0.52 -6.57
N GLY B 215 -23.96 0.62 -7.25
CA GLY B 215 -24.63 0.66 -8.57
C GLY B 215 -26.13 0.92 -8.47
N ILE B 216 -26.69 0.97 -7.26
CA ILE B 216 -28.14 1.25 -7.09
C ILE B 216 -28.33 2.74 -6.96
N PRO B 217 -29.21 3.35 -7.78
CA PRO B 217 -29.48 4.77 -7.67
C PRO B 217 -29.86 5.16 -6.23
N LEU B 218 -29.23 6.19 -5.72
CA LEU B 218 -29.45 6.63 -4.32
C LEU B 218 -30.92 7.01 -4.10
N GLU B 219 -31.62 7.55 -5.10
CA GLU B 219 -33.05 7.95 -4.96
C GLU B 219 -33.94 6.73 -4.67
N LYS B 220 -33.48 5.52 -4.99
CA LYS B 220 -34.18 4.27 -4.63
C LYS B 220 -33.85 3.83 -3.19
N LEU B 221 -32.90 4.48 -2.50
CA LEU B 221 -32.36 4.01 -1.19
C LEU B 221 -32.48 5.07 -0.08
N ILE B 222 -32.47 6.36 -0.41
CA ILE B 222 -32.45 7.48 0.58
C ILE B 222 -33.68 8.33 0.31
N PRO B 223 -34.57 8.51 1.30
CA PRO B 223 -35.75 9.38 1.14
C PRO B 223 -35.33 10.81 0.75
N LYS B 224 -36.20 11.50 0.01
CA LYS B 224 -35.93 12.84 -0.60
C LYS B 224 -35.44 13.88 0.41
N ASP B 225 -36.06 13.98 1.60
CA ASP B 225 -35.67 15.01 2.60
C ASP B 225 -34.19 14.80 2.97
N ARG B 226 -33.80 13.56 3.30
CA ARG B 226 -32.45 13.23 3.81
C ARG B 226 -31.42 13.35 2.68
N LEU B 227 -31.78 12.93 1.47
CA LEU B 227 -30.89 13.03 0.28
C LEU B 227 -30.71 14.50 -0.06
N ASP B 228 -31.80 15.27 -0.07
CA ASP B 228 -31.70 16.74 -0.23
C ASP B 228 -30.80 17.34 0.84
N ALA B 229 -30.93 16.92 2.10
CA ALA B 229 -30.06 17.40 3.19
C ALA B 229 -28.61 17.00 2.88
N ILE B 230 -28.36 15.80 2.32
CA ILE B 230 -26.97 15.36 2.01
C ILE B 230 -26.37 16.33 0.98
N VAL B 231 -27.13 16.68 -0.04
CA VAL B 231 -26.69 17.59 -1.14
C VAL B 231 -26.33 18.93 -0.51
N GLU B 232 -27.21 19.46 0.35
CA GLU B 232 -27.03 20.77 1.02
C GLU B 232 -25.76 20.70 1.89
N ARG B 233 -25.56 19.61 2.61
CA ARG B 233 -24.35 19.52 3.48
C ARG B 233 -23.10 19.51 2.59
N THR B 234 -23.18 18.85 1.43
CA THR B 234 -22.07 18.89 0.45
C THR B 234 -21.84 20.35 0.05
N ARG B 235 -22.88 21.07 -0.34
CA ARG B 235 -22.77 22.49 -0.76
C ARG B 235 -21.98 23.28 0.30
N LYS B 236 -22.34 23.11 1.58
CA LYS B 236 -21.77 23.89 2.72
C LYS B 236 -20.55 23.16 3.32
N GLY B 237 -20.14 22.02 2.74
CA GLY B 237 -19.06 21.13 3.23
C GLY B 237 -17.78 21.85 3.64
N GLY B 238 -17.28 22.76 2.81
CA GLY B 238 -16.10 23.60 3.11
C GLY B 238 -16.36 24.52 4.31
N GLY B 239 -17.51 25.20 4.32
CA GLY B 239 -17.96 26.09 5.42
C GLY B 239 -17.98 25.34 6.74
N GLU B 240 -18.48 24.09 6.74
CA GLU B 240 -18.61 23.24 7.94
C GLU B 240 -17.25 23.03 8.59
N ILE B 241 -16.20 22.75 7.81
CA ILE B 241 -14.84 22.51 8.36
C ILE B 241 -14.30 23.85 8.87
N VAL B 242 -14.55 24.94 8.13
CA VAL B 242 -14.10 26.30 8.53
C VAL B 242 -14.64 26.63 9.93
N ASN B 243 -15.94 26.43 10.15
CA ASN B 243 -16.67 26.81 11.40
C ASN B 243 -16.18 25.95 12.57
N LEU B 244 -15.94 24.67 12.32
CA LEU B 244 -15.38 23.75 13.36
C LEU B 244 -13.97 24.20 13.72
N LEU B 245 -13.09 24.42 12.74
CA LEU B 245 -11.66 24.74 13.01
C LEU B 245 -11.46 26.10 13.70
N GLY B 246 -12.31 27.11 13.50
CA GLY B 246 -12.07 28.45 14.06
C GLY B 246 -11.11 29.27 13.22
N ASN B 247 -9.93 28.74 12.86
CA ASN B 247 -8.96 29.41 11.94
C ASN B 247 -8.62 28.49 10.75
N GLY B 248 -8.68 29.05 9.54
CA GLY B 248 -8.34 28.39 8.26
C GLY B 248 -9.39 27.39 7.82
N SER B 249 -9.13 26.68 6.72
CA SER B 249 -10.06 25.76 6.04
C SER B 249 -9.49 24.34 6.02
N ALA B 250 -10.28 23.40 5.52
CA ALA B 250 -9.95 21.97 5.32
C ALA B 250 -8.57 21.84 4.71
N TYR B 251 -7.88 20.72 4.94
CA TYR B 251 -6.60 20.43 4.26
C TYR B 251 -6.47 18.94 3.89
N TYR B 252 -6.97 18.03 4.71
CA TYR B 252 -6.78 16.58 4.46
C TYR B 252 -7.50 16.22 3.17
N ALA B 253 -8.80 16.50 3.11
CA ALA B 253 -9.62 16.10 1.95
C ALA B 253 -9.21 16.90 0.70
N PRO B 254 -8.99 18.24 0.77
CA PRO B 254 -8.40 18.95 -0.37
C PRO B 254 -7.09 18.29 -0.85
N ALA B 255 -6.17 17.96 0.05
CA ALA B 255 -4.85 17.39 -0.29
C ALA B 255 -5.02 16.07 -1.05
N ALA B 256 -5.83 15.16 -0.51
CA ALA B 256 -6.13 13.84 -1.11
C ALA B 256 -6.73 14.06 -2.50
N SER B 257 -7.62 15.01 -2.61
CA SER B 257 -8.28 15.33 -3.90
C SER B 257 -7.22 15.69 -4.96
N LEU B 258 -6.24 16.52 -4.58
CA LEU B 258 -5.09 16.88 -5.49
C LEU B 258 -4.28 15.65 -5.86
N VAL B 259 -4.05 14.77 -4.89
CA VAL B 259 -3.17 13.59 -5.10
C VAL B 259 -3.83 12.65 -6.12
N GLU B 260 -5.13 12.38 -6.02
CA GLU B 260 -5.86 11.47 -6.96
C GLU B 260 -5.71 11.99 -8.40
N MET B 261 -5.79 13.31 -8.57
CA MET B 261 -5.64 13.91 -9.91
C MET B 261 -4.17 13.81 -10.37
N VAL B 262 -3.20 14.12 -9.52
CA VAL B 262 -1.74 13.93 -9.79
C VAL B 262 -1.49 12.48 -10.20
N GLU B 263 -1.95 11.53 -9.40
CA GLU B 263 -1.71 10.11 -9.71
C GLU B 263 -2.33 9.75 -11.08
N ALA B 264 -3.57 10.14 -11.38
CA ALA B 264 -4.24 9.86 -12.68
C ALA B 264 -3.30 10.20 -13.85
N ILE B 265 -2.58 11.31 -13.73
CA ILE B 265 -1.73 11.86 -14.82
C ILE B 265 -0.42 11.07 -14.84
N LEU B 266 0.28 11.00 -13.71
CA LEU B 266 1.65 10.42 -13.63
C LEU B 266 1.63 8.95 -14.03
N LYS B 267 0.54 8.22 -13.74
CA LYS B 267 0.47 6.76 -13.97
C LYS B 267 -0.42 6.50 -15.18
N ASP B 268 -0.74 7.54 -15.95
CA ASP B 268 -1.59 7.50 -17.17
C ASP B 268 -2.78 6.57 -16.92
N GLN B 269 -3.57 6.83 -15.86
CA GLN B 269 -4.62 5.88 -15.42
C GLN B 269 -5.84 6.01 -16.32
N ARG B 270 -6.11 7.17 -16.91
CA ARG B 270 -7.33 7.38 -17.74
C ARG B 270 -8.55 7.19 -16.81
N ARG B 271 -8.48 7.86 -15.66
CA ARG B 271 -9.59 7.95 -14.67
C ARG B 271 -10.71 8.79 -15.25
N ILE B 272 -11.97 8.49 -14.94
CA ILE B 272 -13.05 9.50 -15.13
C ILE B 272 -13.20 10.24 -13.81
N LEU B 273 -12.92 11.53 -13.81
CA LEU B 273 -12.91 12.38 -12.59
C LEU B 273 -13.43 13.76 -12.99
N PRO B 274 -14.18 14.43 -12.09
CA PRO B 274 -14.60 15.80 -12.35
C PRO B 274 -13.38 16.69 -12.15
N ALA B 275 -13.18 17.62 -13.07
CA ALA B 275 -12.10 18.63 -13.01
C ALA B 275 -12.60 20.00 -13.47
N ILE B 276 -11.89 21.04 -13.10
CA ILE B 276 -12.11 22.42 -13.64
C ILE B 276 -11.33 22.49 -14.97
N ALA B 277 -12.02 22.34 -16.10
CA ALA B 277 -11.42 22.20 -17.45
C ALA B 277 -11.82 23.38 -18.34
N TYR B 278 -10.93 23.79 -19.24
CA TYR B 278 -11.20 24.87 -20.22
C TYR B 278 -12.15 24.34 -21.29
N LEU B 279 -13.27 25.03 -21.51
CA LEU B 279 -14.32 24.63 -22.47
C LEU B 279 -14.15 25.44 -23.75
N GLU B 280 -14.27 24.75 -24.88
CA GLU B 280 -14.34 25.35 -26.23
C GLU B 280 -15.53 24.73 -26.94
N GLY B 281 -16.74 24.86 -26.35
CA GLY B 281 -18.02 24.42 -26.94
C GLY B 281 -18.73 23.36 -26.10
N GLU B 282 -18.03 22.63 -25.26
CA GLU B 282 -18.69 21.54 -24.48
C GLU B 282 -19.80 22.15 -23.62
N TYR B 283 -20.95 21.48 -23.55
CA TYR B 283 -22.13 21.91 -22.75
C TYR B 283 -22.69 23.25 -23.28
N GLY B 284 -22.22 23.74 -24.44
CA GLY B 284 -22.71 25.01 -25.03
C GLY B 284 -21.93 26.22 -24.57
N TYR B 285 -20.82 26.01 -23.87
CA TYR B 285 -19.99 27.10 -23.29
C TYR B 285 -18.60 27.04 -23.91
N GLU B 286 -17.90 28.17 -23.87
CA GLU B 286 -16.55 28.37 -24.46
C GLU B 286 -15.89 29.58 -23.80
N GLY B 287 -14.56 29.63 -23.74
CA GLY B 287 -13.77 30.74 -23.17
C GLY B 287 -13.77 30.72 -21.64
N ILE B 288 -14.21 29.62 -21.01
CA ILE B 288 -14.30 29.53 -19.53
C ILE B 288 -13.72 28.19 -19.03
N TYR B 289 -13.29 28.18 -17.77
CA TYR B 289 -13.11 26.95 -16.94
C TYR B 289 -14.42 26.66 -16.20
N LEU B 290 -14.78 25.39 -16.14
CA LEU B 290 -16.00 24.89 -15.49
C LEU B 290 -15.73 23.47 -15.01
N GLY B 291 -16.25 23.14 -13.83
CA GLY B 291 -16.29 21.74 -13.33
C GLY B 291 -17.10 20.85 -14.25
N VAL B 292 -16.45 19.88 -14.88
CA VAL B 292 -17.09 18.93 -15.83
C VAL B 292 -16.45 17.57 -15.66
N PRO B 293 -17.09 16.47 -16.12
CA PRO B 293 -16.47 15.15 -16.09
C PRO B 293 -15.43 15.09 -17.22
N THR B 294 -14.25 14.58 -16.87
CA THR B 294 -13.08 14.49 -17.77
C THR B 294 -12.47 13.10 -17.64
N ILE B 295 -11.75 12.67 -18.67
CA ILE B 295 -10.78 11.55 -18.59
C ILE B 295 -9.42 12.19 -18.31
N LEU B 296 -8.80 11.79 -17.21
CA LEU B 296 -7.49 12.31 -16.72
C LEU B 296 -6.41 11.25 -16.94
N GLY B 297 -5.37 11.58 -17.71
CA GLY B 297 -4.32 10.61 -18.07
C GLY B 297 -3.00 11.29 -18.35
N GLY B 298 -2.12 10.56 -19.05
CA GLY B 298 -0.73 10.95 -19.35
C GLY B 298 -0.68 12.28 -20.07
N ASN B 299 -1.73 12.62 -20.85
CA ASN B 299 -1.81 13.90 -21.60
C ASN B 299 -2.63 14.96 -20.84
N GLY B 300 -2.84 14.80 -19.54
CA GLY B 300 -3.71 15.67 -18.72
C GLY B 300 -5.18 15.36 -19.01
N ILE B 301 -5.96 16.38 -19.38
CA ILE B 301 -7.34 16.22 -19.93
C ILE B 301 -7.24 15.47 -21.25
N GLU B 302 -7.64 14.21 -21.28
CA GLU B 302 -7.71 13.40 -22.53
C GLU B 302 -9.01 13.72 -23.26
N LYS B 303 -10.06 14.11 -22.52
CA LYS B 303 -11.43 14.39 -23.04
C LYS B 303 -12.22 15.11 -21.95
N VAL B 304 -12.95 16.17 -22.30
CA VAL B 304 -14.15 16.63 -21.55
C VAL B 304 -15.32 15.78 -22.00
N ILE B 305 -15.97 15.07 -21.06
CA ILE B 305 -17.12 14.17 -21.32
C ILE B 305 -18.36 15.04 -21.30
N GLU B 306 -19.18 14.91 -22.34
CA GLU B 306 -20.42 15.69 -22.54
C GLU B 306 -21.59 14.77 -22.25
N LEU B 307 -22.46 15.13 -21.32
CA LEU B 307 -23.61 14.27 -20.96
C LEU B 307 -24.88 14.92 -21.43
N GLU B 308 -25.87 14.07 -21.64
CA GLU B 308 -27.31 14.37 -21.78
C GLU B 308 -27.83 14.86 -20.44
N LEU B 309 -28.01 16.18 -20.31
CA LEU B 309 -28.52 16.84 -19.08
C LEU B 309 -30.04 17.08 -19.19
N THR B 310 -30.75 16.94 -18.07
CA THR B 310 -32.19 17.29 -18.00
C THR B 310 -32.30 18.80 -18.15
N GLU B 311 -33.52 19.30 -18.34
CA GLU B 311 -33.78 20.75 -18.48
C GLU B 311 -33.38 21.47 -17.18
N GLU B 312 -33.67 20.90 -15.99
CA GLU B 312 -33.32 21.50 -14.66
C GLU B 312 -31.79 21.63 -14.53
N GLU B 313 -31.05 20.55 -14.78
CA GLU B 313 -29.56 20.50 -14.72
C GLU B 313 -28.97 21.55 -15.68
N LYS B 314 -29.52 21.68 -16.88
CA LYS B 314 -29.04 22.66 -17.88
C LYS B 314 -29.18 24.06 -17.30
N ALA B 315 -30.34 24.34 -16.69
CA ALA B 315 -30.65 25.65 -16.07
C ALA B 315 -29.71 25.88 -14.86
N ALA B 316 -29.48 24.87 -14.02
CA ALA B 316 -28.55 25.00 -12.88
C ALA B 316 -27.13 25.23 -13.40
N LEU B 317 -26.71 24.50 -14.45
CA LEU B 317 -25.34 24.76 -15.00
C LEU B 317 -25.27 26.17 -15.57
N ALA B 318 -26.31 26.64 -16.29
CA ALA B 318 -26.34 28.03 -16.81
C ALA B 318 -26.12 29.01 -15.65
N LYS B 319 -26.81 28.84 -14.50
CA LYS B 319 -26.67 29.78 -13.34
C LYS B 319 -25.26 29.66 -12.77
N SER B 320 -24.71 28.44 -12.68
CA SER B 320 -23.29 28.23 -12.27
C SER B 320 -22.33 28.97 -13.22
N VAL B 321 -22.53 28.90 -14.53
CA VAL B 321 -21.60 29.54 -15.51
C VAL B 321 -21.70 31.06 -15.32
N GLU B 322 -22.91 31.55 -15.06
CA GLU B 322 -23.20 32.98 -14.76
C GLU B 322 -22.32 33.45 -13.59
N SER B 323 -22.17 32.64 -12.54
CA SER B 323 -21.26 32.94 -11.39
C SER B 323 -19.79 32.89 -11.82
N VAL B 324 -19.39 31.90 -12.63
CA VAL B 324 -18.01 31.81 -13.20
C VAL B 324 -17.71 33.12 -13.97
N LYS B 325 -18.61 33.52 -14.84
CA LYS B 325 -18.38 34.70 -15.71
C LYS B 325 -18.35 35.94 -14.83
N ASN B 326 -19.22 36.01 -13.81
CA ASN B 326 -19.23 37.13 -12.83
C ASN B 326 -17.83 37.26 -12.22
N VAL B 327 -17.23 36.16 -11.77
CA VAL B 327 -15.90 36.21 -11.08
C VAL B 327 -14.82 36.51 -12.11
N MET B 328 -14.91 35.97 -13.33
CA MET B 328 -13.92 36.24 -14.40
C MET B 328 -13.92 37.74 -14.74
N ARG B 329 -15.06 38.42 -14.60
CA ARG B 329 -15.16 39.89 -14.84
C ARG B 329 -14.48 40.71 -13.73
N MET B 330 -14.13 40.10 -12.60
CA MET B 330 -13.39 40.78 -11.51
C MET B 330 -11.89 40.70 -11.79
N LEU B 331 -11.46 39.90 -12.78
CA LEU B 331 -10.01 39.80 -13.13
C LEU B 331 -9.56 41.12 -13.75
N GLU B 332 -8.35 41.54 -13.45
CA GLU B 332 -7.69 42.71 -14.09
C GLU B 332 -6.93 42.23 -15.33
N ALA C 22 -4.34 -9.71 24.79
CA ALA C 22 -3.21 -9.59 23.79
C ALA C 22 -3.76 -9.56 22.36
N MET C 23 -3.15 -8.71 21.51
CA MET C 23 -3.51 -8.56 20.08
C MET C 23 -3.04 -9.81 19.37
N LYS C 24 -3.95 -10.50 18.66
CA LYS C 24 -3.65 -11.77 17.96
C LYS C 24 -3.97 -11.56 16.48
N ARG C 25 -3.21 -12.18 15.58
CA ARG C 25 -3.51 -12.06 14.13
C ARG C 25 -4.76 -12.89 13.79
N LYS C 26 -5.55 -12.42 12.86
CA LYS C 26 -6.62 -13.20 12.21
C LYS C 26 -5.99 -14.48 11.66
N LYS C 27 -6.76 -15.55 11.64
CA LYS C 27 -6.34 -16.82 11.02
C LYS C 27 -7.34 -17.14 9.91
N ILE C 28 -6.80 -17.50 8.75
CA ILE C 28 -7.55 -17.91 7.54
C ILE C 28 -6.99 -19.26 7.08
N SER C 29 -7.87 -20.25 6.92
CA SER C 29 -7.54 -21.53 6.27
C SER C 29 -8.13 -21.51 4.87
N VAL C 30 -7.32 -21.90 3.91
CA VAL C 30 -7.70 -22.11 2.49
C VAL C 30 -7.65 -23.61 2.22
N ILE C 31 -8.80 -24.21 1.90
CA ILE C 31 -8.97 -25.65 1.57
C ILE C 31 -8.89 -25.83 0.06
N GLY C 32 -7.97 -26.67 -0.39
CA GLY C 32 -7.59 -26.81 -1.80
C GLY C 32 -6.33 -26.01 -2.05
N ALA C 33 -5.25 -26.69 -2.45
CA ALA C 33 -3.91 -26.10 -2.68
C ALA C 33 -3.56 -26.15 -4.16
N GLY C 34 -4.58 -26.34 -5.00
CA GLY C 34 -4.52 -26.08 -6.45
C GLY C 34 -4.23 -24.62 -6.71
N PHE C 35 -4.21 -24.21 -7.97
CA PHE C 35 -3.77 -22.86 -8.40
C PHE C 35 -4.63 -21.77 -7.74
N THR C 36 -5.95 -21.95 -7.62
CA THR C 36 -6.83 -20.92 -6.99
C THR C 36 -6.57 -20.85 -5.48
N GLY C 37 -6.63 -21.98 -4.78
CA GLY C 37 -6.25 -22.07 -3.36
C GLY C 37 -4.90 -21.41 -3.06
N ALA C 38 -3.85 -21.85 -3.75
CA ALA C 38 -2.47 -21.33 -3.58
C ALA C 38 -2.43 -19.80 -3.81
N THR C 39 -2.92 -19.36 -4.98
CA THR C 39 -2.96 -17.92 -5.33
C THR C 39 -3.71 -17.12 -4.25
N THR C 40 -4.82 -17.65 -3.70
CA THR C 40 -5.63 -17.00 -2.63
C THR C 40 -4.77 -16.84 -1.36
N ALA C 41 -4.15 -17.93 -0.92
CA ALA C 41 -3.31 -17.91 0.29
C ALA C 41 -2.22 -16.85 0.13
N PHE C 42 -1.54 -16.83 -1.00
CA PHE C 42 -0.43 -15.86 -1.22
C PHE C 42 -0.96 -14.43 -1.16
N LEU C 43 -2.07 -14.14 -1.86
CA LEU C 43 -2.67 -12.77 -1.88
C LEU C 43 -3.02 -12.38 -0.43
N LEU C 44 -3.52 -13.30 0.39
CA LEU C 44 -4.01 -12.97 1.76
C LEU C 44 -2.83 -12.56 2.65
N ALA C 45 -1.76 -13.35 2.59
CA ALA C 45 -0.50 -13.13 3.32
C ALA C 45 0.11 -11.77 2.93
N GLN C 46 0.27 -11.54 1.64
CA GLN C 46 0.84 -10.31 1.02
C GLN C 46 0.13 -9.04 1.57
N LYS C 47 -1.18 -9.11 1.79
CA LYS C 47 -2.05 -8.03 2.35
C LYS C 47 -2.00 -7.95 3.89
N GLU C 48 -1.26 -8.85 4.56
CA GLU C 48 -1.14 -8.91 6.05
C GLU C 48 -2.54 -9.05 6.67
N LEU C 49 -3.42 -9.85 6.06
CA LEU C 49 -4.82 -10.00 6.53
C LEU C 49 -4.88 -10.99 7.69
N GLY C 50 -3.79 -11.73 7.90
CA GLY C 50 -3.64 -12.67 9.03
C GLY C 50 -2.68 -13.79 8.66
N ASP C 51 -2.56 -14.78 9.55
CA ASP C 51 -1.81 -16.03 9.25
C ASP C 51 -2.67 -16.93 8.38
N VAL C 52 -2.02 -17.72 7.52
CA VAL C 52 -2.69 -18.48 6.44
C VAL C 52 -2.26 -19.93 6.57
N VAL C 53 -3.26 -20.83 6.60
CA VAL C 53 -3.08 -22.30 6.64
C VAL C 53 -3.63 -22.85 5.32
N LEU C 54 -2.77 -23.39 4.48
CA LEU C 54 -3.10 -23.99 3.16
C LEU C 54 -3.22 -25.51 3.32
N VAL C 55 -4.40 -26.07 3.05
CA VAL C 55 -4.78 -27.49 3.34
C VAL C 55 -5.04 -28.22 2.03
N ASP C 56 -4.65 -29.50 1.94
CA ASP C 56 -5.16 -30.43 0.91
C ASP C 56 -5.12 -31.86 1.49
N ILE C 57 -5.35 -32.85 0.64
CA ILE C 57 -5.36 -34.31 0.97
C ILE C 57 -3.95 -34.77 1.36
N PRO C 58 -3.85 -35.88 2.16
CA PRO C 58 -2.56 -36.49 2.50
C PRO C 58 -1.65 -36.82 1.32
N GLN C 59 -2.21 -37.33 0.21
CA GLN C 59 -1.37 -37.73 -0.95
C GLN C 59 -0.60 -36.48 -1.44
N LEU C 60 -1.10 -35.26 -1.19
CA LEU C 60 -0.53 -33.99 -1.74
C LEU C 60 0.12 -33.12 -0.64
N GLU C 61 0.23 -33.63 0.60
CA GLU C 61 0.75 -32.87 1.79
C GLU C 61 2.10 -32.17 1.51
N ASN C 62 3.05 -32.85 0.86
CA ASN C 62 4.43 -32.32 0.67
C ASN C 62 4.39 -31.19 -0.36
N PRO C 63 3.73 -31.38 -1.53
CA PRO C 63 3.49 -30.26 -2.44
C PRO C 63 2.85 -29.04 -1.74
N THR C 64 1.91 -29.27 -0.82
CA THR C 64 1.19 -28.20 -0.09
C THR C 64 2.22 -27.44 0.76
N LYS C 65 2.99 -28.15 1.59
CA LYS C 65 4.04 -27.53 2.47
C LYS C 65 5.07 -26.74 1.65
N GLY C 66 5.47 -27.24 0.48
CA GLY C 66 6.45 -26.62 -0.42
C GLY C 66 5.97 -25.30 -1.02
N LYS C 67 4.73 -25.26 -1.53
CA LYS C 67 4.04 -24.00 -1.94
C LYS C 67 4.02 -22.99 -0.78
N ALA C 68 3.63 -23.42 0.41
CA ALA C 68 3.47 -22.58 1.61
C ALA C 68 4.83 -22.02 2.03
N LEU C 69 5.86 -22.85 1.97
CA LEU C 69 7.21 -22.45 2.43
C LEU C 69 7.78 -21.45 1.45
N ASP C 70 7.63 -21.72 0.16
CA ASP C 70 8.00 -20.86 -0.99
C ASP C 70 7.37 -19.47 -0.82
N MET C 71 6.06 -19.41 -0.52
CA MET C 71 5.31 -18.14 -0.29
C MET C 71 5.93 -17.40 0.90
N LEU C 72 6.16 -18.11 2.00
CA LEU C 72 6.69 -17.49 3.25
C LEU C 72 8.09 -16.91 3.00
N GLU C 73 8.93 -17.65 2.30
CA GLU C 73 10.30 -17.25 1.89
C GLU C 73 10.23 -15.99 1.00
N ALA C 74 9.11 -15.68 0.35
CA ALA C 74 8.89 -14.41 -0.39
C ALA C 74 8.73 -13.21 0.56
N SER C 75 8.45 -13.44 1.85
CA SER C 75 7.89 -12.41 2.76
C SER C 75 8.97 -11.38 3.11
N PRO C 76 10.23 -11.77 3.33
CA PRO C 76 11.28 -10.77 3.59
C PRO C 76 11.46 -9.78 2.43
N VAL C 77 11.31 -10.23 1.19
CA VAL C 77 11.50 -9.41 -0.03
C VAL C 77 10.26 -8.51 -0.20
N LEU C 78 9.05 -9.06 -0.14
CA LEU C 78 7.83 -8.27 -0.44
C LEU C 78 7.50 -7.41 0.79
N GLY C 79 8.04 -7.82 1.94
CA GLY C 79 8.04 -7.04 3.19
C GLY C 79 6.71 -7.13 3.91
N PHE C 80 6.12 -8.32 3.98
CA PHE C 80 4.91 -8.58 4.78
C PHE C 80 5.29 -9.56 5.89
N ASP C 81 4.68 -9.39 7.05
CA ASP C 81 4.75 -10.28 8.24
C ASP C 81 3.48 -11.12 8.23
N ALA C 82 3.52 -12.28 7.59
CA ALA C 82 2.42 -13.28 7.69
C ALA C 82 3.05 -14.65 7.87
N ASN C 83 2.42 -15.50 8.67
CA ASN C 83 2.78 -16.93 8.75
C ASN C 83 1.97 -17.66 7.67
N ILE C 84 2.66 -18.44 6.83
CA ILE C 84 2.03 -19.37 5.85
C ILE C 84 2.54 -20.78 6.17
N ILE C 85 1.63 -21.71 6.38
CA ILE C 85 1.98 -23.14 6.64
C ILE C 85 1.07 -23.98 5.76
N GLY C 86 1.63 -25.03 5.16
CA GLY C 86 0.90 -26.08 4.44
C GLY C 86 0.68 -27.27 5.35
N THR C 87 -0.44 -27.98 5.16
CA THR C 87 -0.82 -29.18 5.94
C THR C 87 -1.79 -30.08 5.15
N SER C 88 -1.93 -31.33 5.59
CA SER C 88 -3.07 -32.23 5.26
C SER C 88 -3.86 -32.53 6.54
N ASP C 89 -3.53 -31.90 7.67
CA ASP C 89 -4.17 -32.17 8.99
C ASP C 89 -5.13 -31.03 9.30
N TYR C 90 -6.45 -31.30 9.37
CA TYR C 90 -7.48 -30.27 9.66
C TYR C 90 -7.27 -29.65 11.06
N ALA C 91 -6.51 -30.28 11.96
CA ALA C 91 -6.23 -29.71 13.30
C ALA C 91 -5.40 -28.43 13.14
N ASP C 92 -4.62 -28.29 12.06
CA ASP C 92 -3.84 -27.05 11.83
C ASP C 92 -4.81 -25.90 11.47
N THR C 93 -6.08 -26.18 11.14
CA THR C 93 -7.06 -25.11 10.77
C THR C 93 -7.75 -24.55 12.02
N ALA C 94 -7.36 -24.98 13.22
CA ALA C 94 -8.12 -24.71 14.48
C ALA C 94 -8.33 -23.20 14.67
N ASP C 95 -9.53 -22.79 15.12
CA ASP C 95 -9.83 -21.38 15.50
C ASP C 95 -9.60 -20.43 14.30
N SER C 96 -9.85 -20.89 13.06
CA SER C 96 -9.81 -20.01 11.87
C SER C 96 -10.99 -19.02 11.99
N ASP C 97 -10.73 -17.73 11.76
CA ASP C 97 -11.76 -16.67 11.62
C ASP C 97 -12.54 -16.87 10.32
N ILE C 98 -11.85 -17.25 9.25
CA ILE C 98 -12.45 -17.52 7.93
C ILE C 98 -11.81 -18.77 7.36
N VAL C 99 -12.62 -19.55 6.65
CA VAL C 99 -12.15 -20.67 5.80
C VAL C 99 -12.71 -20.49 4.40
N VAL C 100 -11.82 -20.62 3.40
CA VAL C 100 -12.11 -20.51 1.95
C VAL C 100 -12.05 -21.94 1.39
N ILE C 101 -13.18 -22.48 0.90
CA ILE C 101 -13.21 -23.83 0.28
C ILE C 101 -13.00 -23.70 -1.23
N THR C 102 -11.83 -24.15 -1.71
CA THR C 102 -11.52 -24.24 -3.14
C THR C 102 -11.38 -25.70 -3.57
N ALA C 103 -11.61 -26.67 -2.68
CA ALA C 103 -11.47 -28.13 -2.97
C ALA C 103 -12.53 -28.55 -4.01
N GLY C 104 -12.23 -29.59 -4.83
CA GLY C 104 -13.15 -30.22 -5.82
C GLY C 104 -12.49 -30.51 -7.16
N ILE C 105 -13.27 -30.78 -8.21
CA ILE C 105 -12.81 -30.85 -9.64
C ILE C 105 -13.82 -30.10 -10.52
N ASP C 115 -23.17 -35.86 -11.91
CA ASP C 115 -22.37 -36.57 -10.87
C ASP C 115 -21.12 -35.76 -10.50
N LEU C 116 -20.74 -34.74 -11.30
CA LEU C 116 -19.91 -33.57 -10.87
C LEU C 116 -20.45 -33.07 -9.53
N VAL C 117 -21.77 -32.85 -9.46
CA VAL C 117 -22.51 -32.37 -8.26
C VAL C 117 -22.42 -33.42 -7.16
N THR C 118 -22.73 -34.67 -7.51
CA THR C 118 -22.81 -35.81 -6.57
C THR C 118 -21.41 -36.03 -5.99
N THR C 119 -20.37 -35.98 -6.84
CA THR C 119 -18.94 -36.11 -6.47
C THR C 119 -18.54 -34.98 -5.52
N ASN C 120 -18.67 -33.73 -5.96
CA ASN C 120 -18.21 -32.55 -5.18
C ASN C 120 -19.04 -32.47 -3.89
N GLN C 121 -20.33 -32.87 -3.91
CA GLN C 121 -21.16 -32.86 -2.68
C GLN C 121 -20.43 -33.60 -1.55
N LYS C 122 -19.86 -34.77 -1.86
CA LYS C 122 -19.15 -35.67 -0.91
C LYS C 122 -17.96 -34.92 -0.27
N ILE C 123 -17.15 -34.29 -1.11
CA ILE C 123 -15.97 -33.48 -0.68
C ILE C 123 -16.47 -32.36 0.26
N MET C 124 -17.49 -31.60 -0.14
CA MET C 124 -18.04 -30.48 0.68
C MET C 124 -18.48 -30.99 2.06
N LYS C 125 -19.28 -32.06 2.15
CA LYS C 125 -19.71 -32.65 3.46
C LYS C 125 -18.48 -33.03 4.28
N GLN C 126 -17.48 -33.70 3.68
CA GLN C 126 -16.28 -34.20 4.41
C GLN C 126 -15.43 -33.00 4.86
N VAL C 127 -15.12 -32.05 3.96
CA VAL C 127 -14.34 -30.82 4.31
C VAL C 127 -15.06 -30.08 5.44
N THR C 128 -16.35 -29.80 5.27
CA THR C 128 -17.15 -28.99 6.22
C THR C 128 -17.16 -29.65 7.60
N LYS C 129 -17.24 -30.99 7.68
CA LYS C 129 -17.30 -31.70 8.99
C LYS C 129 -15.99 -31.44 9.74
N GLU C 130 -14.83 -31.56 9.08
CA GLU C 130 -13.49 -31.21 9.66
C GLU C 130 -13.45 -29.70 10.00
N VAL C 131 -13.82 -28.82 9.05
CA VAL C 131 -13.75 -27.34 9.26
C VAL C 131 -14.50 -26.96 10.55
N VAL C 132 -15.79 -27.31 10.69
CA VAL C 132 -16.62 -26.81 11.83
C VAL C 132 -16.15 -27.44 13.14
N LYS C 133 -15.64 -28.68 13.12
CA LYS C 133 -15.11 -29.37 14.34
C LYS C 133 -14.07 -28.45 14.99
N TYR C 134 -13.12 -27.96 14.19
CA TYR C 134 -11.93 -27.21 14.62
C TYR C 134 -12.23 -25.70 14.69
N SER C 135 -13.13 -25.18 13.84
CA SER C 135 -13.43 -23.72 13.80
C SER C 135 -14.93 -23.53 13.89
N PRO C 136 -15.55 -23.61 15.09
CA PRO C 136 -17.00 -23.68 15.20
C PRO C 136 -17.63 -22.29 14.92
N ASN C 137 -16.82 -21.22 14.93
CA ASN C 137 -17.28 -19.80 14.88
C ASN C 137 -16.79 -19.10 13.63
N CYS C 138 -16.22 -19.84 12.69
CA CYS C 138 -15.64 -19.31 11.44
C CYS C 138 -16.74 -18.89 10.45
N TYR C 139 -16.37 -17.98 9.55
CA TYR C 139 -17.10 -17.63 8.31
C TYR C 139 -16.53 -18.51 7.22
N ILE C 140 -17.42 -19.06 6.39
CA ILE C 140 -16.99 -19.94 5.27
C ILE C 140 -17.38 -19.29 3.95
N ILE C 141 -16.38 -19.11 3.09
CA ILE C 141 -16.55 -18.69 1.68
C ILE C 141 -16.24 -19.89 0.80
N VAL C 142 -17.19 -20.26 -0.05
CA VAL C 142 -17.12 -21.44 -0.96
C VAL C 142 -16.90 -20.95 -2.40
N LEU C 143 -15.90 -21.51 -3.08
CA LEU C 143 -15.72 -21.33 -4.53
C LEU C 143 -16.31 -22.52 -5.30
N THR C 144 -16.19 -23.75 -4.77
CA THR C 144 -16.31 -25.01 -5.55
C THR C 144 -17.57 -25.04 -6.43
N ASN C 145 -17.46 -25.41 -7.70
CA ASN C 145 -18.67 -25.41 -8.56
C ASN C 145 -19.35 -26.77 -8.49
N PRO C 146 -20.69 -26.82 -8.65
CA PRO C 146 -21.50 -25.61 -8.82
C PRO C 146 -21.75 -24.93 -7.47
N VAL C 147 -21.43 -23.65 -7.39
CA VAL C 147 -21.24 -22.94 -6.10
C VAL C 147 -22.60 -22.80 -5.41
N ASP C 148 -23.70 -22.64 -6.17
CA ASP C 148 -25.08 -22.58 -5.62
C ASP C 148 -25.37 -23.86 -4.81
N ALA C 149 -25.17 -25.04 -5.41
CA ALA C 149 -25.44 -26.35 -4.75
C ALA C 149 -24.34 -26.70 -3.72
N MET C 150 -23.08 -26.34 -3.98
CA MET C 150 -21.95 -26.66 -3.06
C MET C 150 -22.04 -25.78 -1.81
N THR C 151 -22.42 -24.50 -1.94
CA THR C 151 -22.57 -23.61 -0.76
C THR C 151 -23.78 -24.08 0.04
N TYR C 152 -24.87 -24.49 -0.63
CA TYR C 152 -26.08 -25.06 0.01
C TYR C 152 -25.66 -26.27 0.84
N THR C 153 -24.85 -27.15 0.22
CA THR C 153 -24.35 -28.39 0.88
C THR C 153 -23.51 -28.00 2.10
N VAL C 154 -22.58 -27.04 1.98
CA VAL C 154 -21.78 -26.55 3.14
C VAL C 154 -22.71 -25.91 4.19
N PHE C 155 -23.67 -25.10 3.75
CA PHE C 155 -24.68 -24.47 4.66
C PHE C 155 -25.37 -25.57 5.49
N LYS C 156 -25.97 -26.59 4.86
CA LYS C 156 -26.83 -27.57 5.60
C LYS C 156 -25.96 -28.44 6.50
N GLU C 157 -24.88 -28.99 5.95
CA GLU C 157 -23.90 -29.82 6.68
C GLU C 157 -23.33 -29.09 7.91
N SER C 158 -23.17 -27.76 7.87
CA SER C 158 -22.39 -26.98 8.87
C SER C 158 -23.20 -26.69 10.12
N GLY C 159 -24.53 -26.47 9.98
CA GLY C 159 -25.39 -26.03 11.10
C GLY C 159 -25.25 -24.53 11.37
N PHE C 160 -24.44 -23.83 10.59
CA PHE C 160 -24.12 -22.39 10.81
C PHE C 160 -25.32 -21.58 10.33
N PRO C 161 -25.51 -20.35 10.83
CA PRO C 161 -26.53 -19.46 10.31
C PRO C 161 -26.11 -18.97 8.93
N LYS C 162 -27.09 -18.52 8.14
CA LYS C 162 -26.94 -18.26 6.68
C LYS C 162 -25.87 -17.18 6.45
N ASN C 163 -25.74 -16.25 7.40
CA ASN C 163 -24.84 -15.05 7.29
C ASN C 163 -23.38 -15.53 7.23
N ARG C 164 -23.09 -16.77 7.68
CA ARG C 164 -21.71 -17.28 7.89
C ARG C 164 -21.29 -18.22 6.77
N VAL C 165 -22.15 -18.53 5.82
CA VAL C 165 -21.83 -19.45 4.70
C VAL C 165 -22.25 -18.79 3.40
N ILE C 166 -21.24 -18.45 2.61
CA ILE C 166 -21.19 -17.50 1.48
C ILE C 166 -20.55 -18.21 0.29
N GLY C 167 -21.12 -18.07 -0.90
CA GLY C 167 -20.45 -18.50 -2.14
C GLY C 167 -19.93 -17.30 -2.90
N GLN C 168 -18.86 -17.49 -3.66
CA GLN C 168 -18.30 -16.49 -4.62
C GLN C 168 -18.89 -16.79 -6.02
N SER C 169 -19.42 -15.80 -6.72
CA SER C 169 -19.78 -15.94 -8.15
C SER C 169 -19.72 -14.59 -8.85
N GLY C 170 -20.54 -13.65 -8.39
CA GLY C 170 -20.78 -12.37 -9.09
C GLY C 170 -19.57 -11.45 -9.12
N VAL C 171 -18.73 -11.43 -8.08
CA VAL C 171 -17.52 -10.55 -8.03
C VAL C 171 -16.65 -10.88 -9.25
N LEU C 172 -16.37 -12.17 -9.45
CA LEU C 172 -15.61 -12.69 -10.62
C LEU C 172 -16.28 -12.28 -11.93
N ASP C 173 -17.61 -12.49 -12.05
CA ASP C 173 -18.32 -12.09 -13.30
C ASP C 173 -18.18 -10.57 -13.50
N THR C 174 -18.36 -9.78 -12.43
CA THR C 174 -18.24 -8.30 -12.51
C THR C 174 -16.81 -7.94 -12.88
N ALA C 175 -15.81 -8.64 -12.34
CA ALA C 175 -14.38 -8.40 -12.63
C ALA C 175 -14.12 -8.53 -14.14
N ARG C 176 -14.57 -9.63 -14.77
CA ARG C 176 -14.42 -9.84 -16.24
C ARG C 176 -15.16 -8.71 -16.97
N PHE C 177 -16.44 -8.49 -16.65
CA PHE C 177 -17.29 -7.45 -17.30
C PHE C 177 -16.54 -6.11 -17.30
N ARG C 178 -16.01 -5.68 -16.15
CA ARG C 178 -15.29 -4.38 -16.00
C ARG C 178 -14.01 -4.36 -16.84
N THR C 179 -13.31 -5.50 -16.91
CA THR C 179 -12.07 -5.63 -17.70
C THR C 179 -12.48 -5.37 -19.14
N PHE C 180 -13.51 -6.07 -19.61
CA PHE C 180 -13.97 -5.95 -21.02
C PHE C 180 -14.42 -4.51 -21.27
N VAL C 181 -15.18 -3.92 -20.34
CA VAL C 181 -15.69 -2.53 -20.56
C VAL C 181 -14.53 -1.53 -20.54
N ALA C 182 -13.56 -1.71 -19.65
CA ALA C 182 -12.37 -0.85 -19.55
C ALA C 182 -11.61 -0.90 -20.88
N GLU C 183 -11.40 -2.09 -21.46
CA GLU C 183 -10.73 -2.20 -22.80
C GLU C 183 -11.56 -1.42 -23.82
N GLU C 184 -12.88 -1.63 -23.83
CA GLU C 184 -13.80 -1.06 -24.84
C GLU C 184 -13.66 0.46 -24.86
N LEU C 185 -13.65 1.11 -23.69
CA LEU C 185 -13.76 2.60 -23.59
C LEU C 185 -12.39 3.22 -23.38
N ASN C 186 -11.37 2.39 -23.10
CA ASN C 186 -9.98 2.84 -22.82
C ASN C 186 -9.99 3.79 -21.60
N ILE C 187 -10.47 3.29 -20.48
CA ILE C 187 -10.52 3.99 -19.16
C ILE C 187 -10.04 3.02 -18.09
N SER C 188 -9.73 3.55 -16.92
CA SER C 188 -9.37 2.75 -15.72
C SER C 188 -10.51 1.79 -15.39
N VAL C 189 -10.15 0.57 -15.04
CA VAL C 189 -11.05 -0.45 -14.45
C VAL C 189 -11.71 0.14 -13.20
N LYS C 190 -11.03 1.04 -12.49
CA LYS C 190 -11.52 1.67 -11.23
C LYS C 190 -12.85 2.39 -11.45
N ASP C 191 -13.17 2.86 -12.65
CA ASP C 191 -14.32 3.77 -12.91
C ASP C 191 -15.40 3.02 -13.69
N VAL C 192 -15.28 1.70 -13.77
CA VAL C 192 -16.30 0.83 -14.43
C VAL C 192 -17.01 0.02 -13.33
N THR C 193 -18.33 -0.05 -13.45
CA THR C 193 -19.26 -0.80 -12.56
C THR C 193 -19.95 -1.85 -13.43
N GLY C 194 -20.01 -3.09 -12.95
CA GLY C 194 -20.94 -4.11 -13.45
C GLY C 194 -21.97 -4.43 -12.40
N PHE C 195 -23.06 -5.07 -12.78
CA PHE C 195 -24.13 -5.46 -11.84
C PHE C 195 -24.65 -6.82 -12.31
N VAL C 196 -24.55 -7.81 -11.44
CA VAL C 196 -24.74 -9.21 -11.83
C VAL C 196 -25.53 -9.89 -10.74
N LEU C 197 -26.72 -10.38 -11.10
CA LEU C 197 -27.51 -11.33 -10.28
C LEU C 197 -27.22 -12.74 -10.79
N GLY C 198 -27.58 -13.75 -10.01
CA GLY C 198 -27.42 -15.17 -10.38
C GLY C 198 -25.99 -15.54 -10.73
N GLY C 199 -25.84 -16.70 -11.38
CA GLY C 199 -24.55 -17.42 -11.47
C GLY C 199 -23.79 -17.11 -12.73
N HIS C 200 -22.97 -18.07 -13.16
CA HIS C 200 -22.10 -18.00 -14.37
C HIS C 200 -22.90 -18.34 -15.63
N GLY C 201 -22.35 -17.96 -16.79
CA GLY C 201 -22.81 -18.33 -18.14
C GLY C 201 -24.26 -17.97 -18.36
N ASP C 202 -25.08 -18.95 -18.75
CA ASP C 202 -26.52 -18.78 -19.09
C ASP C 202 -27.35 -18.54 -17.82
N ASP C 203 -26.86 -18.87 -16.63
CA ASP C 203 -27.55 -18.59 -15.34
C ASP C 203 -27.35 -17.12 -14.92
N MET C 204 -26.48 -16.39 -15.61
CA MET C 204 -26.11 -15.00 -15.26
C MET C 204 -27.25 -14.04 -15.61
N VAL C 205 -27.67 -13.20 -14.67
CA VAL C 205 -28.70 -12.16 -14.95
C VAL C 205 -28.02 -10.81 -14.76
N PRO C 206 -27.39 -10.27 -15.82
CA PRO C 206 -26.81 -8.93 -15.76
C PRO C 206 -27.89 -7.84 -15.87
N LEU C 207 -27.65 -6.73 -15.17
CA LEU C 207 -28.41 -5.46 -15.27
C LEU C 207 -27.46 -4.44 -15.85
N VAL C 208 -27.45 -4.29 -17.19
CA VAL C 208 -26.58 -3.28 -17.87
C VAL C 208 -27.12 -1.88 -17.53
N ARG C 209 -28.39 -1.71 -17.17
CA ARG C 209 -28.92 -0.36 -16.78
C ARG C 209 -28.27 0.07 -15.46
N TYR C 210 -27.73 -0.86 -14.67
CA TYR C 210 -27.03 -0.58 -13.40
C TYR C 210 -25.52 -0.80 -13.57
N SER C 211 -25.01 -0.67 -14.80
CA SER C 211 -23.56 -0.75 -15.11
C SER C 211 -23.10 0.57 -15.73
N TYR C 212 -22.00 1.11 -15.22
CA TYR C 212 -21.60 2.52 -15.48
C TYR C 212 -20.11 2.61 -15.83
N ALA C 213 -19.78 3.69 -16.51
CA ALA C 213 -18.42 4.25 -16.57
C ALA C 213 -18.48 5.66 -15.99
N GLY C 214 -17.70 5.93 -14.95
CA GLY C 214 -17.73 7.15 -14.11
C GLY C 214 -19.15 7.61 -13.72
N GLY C 215 -20.08 6.70 -13.48
CA GLY C 215 -21.50 7.01 -13.20
C GLY C 215 -22.40 7.06 -14.43
N ILE C 216 -21.84 6.98 -15.63
CA ILE C 216 -22.63 7.16 -16.89
C ILE C 216 -23.09 5.79 -17.33
N PRO C 217 -24.41 5.59 -17.54
CA PRO C 217 -24.90 4.29 -17.99
C PRO C 217 -24.16 3.84 -19.27
N LEU C 218 -23.69 2.59 -19.27
CA LEU C 218 -22.86 2.05 -20.39
C LEU C 218 -23.68 2.10 -21.67
N GLU C 219 -25.00 1.92 -21.58
CA GLU C 219 -25.92 1.94 -22.76
C GLU C 219 -25.80 3.28 -23.48
N LYS C 220 -25.32 4.32 -22.80
CA LYS C 220 -25.11 5.66 -23.40
C LYS C 220 -23.76 5.71 -24.11
N LEU C 221 -22.84 4.77 -23.82
CA LEU C 221 -21.42 4.93 -24.26
C LEU C 221 -20.96 3.82 -25.21
N ILE C 222 -21.64 2.69 -25.25
CA ILE C 222 -21.20 1.50 -26.04
C ILE C 222 -22.41 1.10 -26.86
N PRO C 223 -22.28 0.97 -28.21
CA PRO C 223 -23.39 0.55 -29.06
C PRO C 223 -23.84 -0.86 -28.66
N LYS C 224 -25.12 -1.12 -28.89
CA LYS C 224 -25.84 -2.31 -28.39
C LYS C 224 -25.10 -3.59 -28.82
N ASP C 225 -24.58 -3.63 -30.06
CA ASP C 225 -23.96 -4.85 -30.63
C ASP C 225 -22.70 -5.20 -29.83
N ARG C 226 -21.87 -4.20 -29.51
CA ARG C 226 -20.61 -4.39 -28.74
C ARG C 226 -20.94 -4.63 -27.26
N LEU C 227 -21.98 -4.00 -26.74
CA LEU C 227 -22.32 -4.19 -25.31
C LEU C 227 -22.93 -5.58 -25.13
N ASP C 228 -23.74 -6.08 -26.09
CA ASP C 228 -24.25 -7.47 -25.97
C ASP C 228 -23.05 -8.44 -26.04
N ALA C 229 -22.06 -8.15 -26.89
CA ALA C 229 -20.83 -8.97 -27.08
C ALA C 229 -20.06 -9.07 -25.75
N ILE C 230 -19.90 -7.94 -25.04
CA ILE C 230 -19.26 -7.88 -23.70
C ILE C 230 -20.04 -8.73 -22.71
N VAL C 231 -21.37 -8.56 -22.68
CA VAL C 231 -22.24 -9.39 -21.81
C VAL C 231 -22.02 -10.87 -22.15
N GLU C 232 -22.08 -11.25 -23.44
CA GLU C 232 -21.89 -12.68 -23.88
C GLU C 232 -20.46 -13.09 -23.49
N ARG C 233 -19.47 -12.23 -23.70
CA ARG C 233 -18.08 -12.55 -23.32
C ARG C 233 -18.01 -12.83 -21.81
N THR C 234 -18.74 -12.09 -20.97
CA THR C 234 -18.78 -12.31 -19.51
C THR C 234 -19.40 -13.71 -19.26
N ARG C 235 -20.54 -14.00 -19.89
CA ARG C 235 -21.22 -15.32 -19.73
C ARG C 235 -20.19 -16.46 -19.94
N LYS C 236 -19.34 -16.33 -20.94
CA LYS C 236 -18.44 -17.40 -21.45
C LYS C 236 -17.05 -17.28 -20.80
N GLY C 237 -16.80 -16.19 -20.06
CA GLY C 237 -15.47 -15.77 -19.55
C GLY C 237 -14.69 -16.89 -18.89
N GLY C 238 -15.36 -17.76 -18.14
CA GLY C 238 -14.78 -18.89 -17.38
C GLY C 238 -14.23 -19.96 -18.30
N GLY C 239 -15.06 -20.42 -19.24
CA GLY C 239 -14.67 -21.29 -20.35
C GLY C 239 -13.58 -20.69 -21.21
N GLU C 240 -13.54 -19.36 -21.38
CA GLU C 240 -12.55 -18.75 -22.32
C GLU C 240 -11.16 -19.03 -21.77
N ILE C 241 -10.98 -18.91 -20.46
CA ILE C 241 -9.70 -19.18 -19.76
C ILE C 241 -9.45 -20.69 -19.85
N VAL C 242 -10.42 -21.54 -19.45
CA VAL C 242 -10.32 -23.04 -19.50
C VAL C 242 -9.77 -23.44 -20.88
N ASN C 243 -10.39 -22.94 -21.96
CA ASN C 243 -10.04 -23.30 -23.36
C ASN C 243 -8.62 -22.85 -23.69
N LEU C 244 -8.19 -21.66 -23.24
CA LEU C 244 -6.79 -21.19 -23.48
C LEU C 244 -5.80 -22.01 -22.63
N LEU C 245 -6.13 -22.32 -21.38
CA LEU C 245 -5.16 -23.02 -20.49
C LEU C 245 -4.96 -24.46 -20.98
N GLY C 246 -6.00 -25.13 -21.51
CA GLY C 246 -5.93 -26.52 -22.00
C GLY C 246 -6.00 -27.55 -20.88
N ASN C 247 -5.49 -27.20 -19.69
CA ASN C 247 -5.62 -27.98 -18.44
C ASN C 247 -6.03 -27.01 -17.34
N GLY C 248 -7.14 -27.28 -16.67
CA GLY C 248 -7.59 -26.47 -15.53
C GLY C 248 -8.24 -25.18 -15.98
N SER C 249 -8.79 -24.47 -15.00
CA SER C 249 -9.58 -23.23 -15.18
C SER C 249 -8.81 -22.03 -14.61
N ALA C 250 -9.45 -20.84 -14.63
CA ALA C 250 -8.89 -19.57 -14.14
C ALA C 250 -8.57 -19.71 -12.65
N TYR C 251 -7.54 -19.01 -12.18
CA TYR C 251 -7.13 -19.00 -10.76
C TYR C 251 -6.78 -17.60 -10.24
N TYR C 252 -6.29 -16.67 -11.07
CA TYR C 252 -5.91 -15.32 -10.61
C TYR C 252 -7.19 -14.53 -10.25
N ALA C 253 -8.12 -14.34 -11.17
CA ALA C 253 -9.30 -13.47 -10.96
C ALA C 253 -10.20 -14.14 -9.94
N PRO C 254 -10.40 -15.48 -10.00
CA PRO C 254 -11.13 -16.16 -8.92
C PRO C 254 -10.49 -15.91 -7.55
N ALA C 255 -9.16 -16.02 -7.42
CA ALA C 255 -8.48 -15.83 -6.11
C ALA C 255 -8.71 -14.39 -5.63
N ALA C 256 -8.51 -13.41 -6.50
CA ALA C 256 -8.73 -11.98 -6.18
C ALA C 256 -10.17 -11.77 -5.66
N SER C 257 -11.13 -12.33 -6.38
CA SER C 257 -12.58 -12.27 -6.08
C SER C 257 -12.81 -12.80 -4.66
N LEU C 258 -12.14 -13.90 -4.31
CA LEU C 258 -12.27 -14.51 -2.96
C LEU C 258 -11.65 -13.57 -1.93
N VAL C 259 -10.50 -13.01 -2.25
CA VAL C 259 -9.75 -12.14 -1.31
C VAL C 259 -10.57 -10.87 -1.05
N GLU C 260 -11.27 -10.33 -2.05
CA GLU C 260 -12.09 -9.11 -1.83
C GLU C 260 -13.17 -9.40 -0.79
N MET C 261 -13.82 -10.57 -0.88
CA MET C 261 -14.87 -10.97 0.08
C MET C 261 -14.26 -11.23 1.47
N VAL C 262 -13.11 -11.91 1.57
CA VAL C 262 -12.42 -12.17 2.88
C VAL C 262 -12.13 -10.81 3.55
N GLU C 263 -11.55 -9.85 2.82
CA GLU C 263 -11.16 -8.55 3.39
C GLU C 263 -12.43 -7.83 3.91
N ALA C 264 -13.53 -7.86 3.14
CA ALA C 264 -14.82 -7.27 3.56
C ALA C 264 -15.25 -7.79 4.93
N ILE C 265 -15.11 -9.09 5.19
CA ILE C 265 -15.48 -9.70 6.49
C ILE C 265 -14.44 -9.36 7.55
N LEU C 266 -13.16 -9.65 7.28
CA LEU C 266 -12.07 -9.50 8.29
C LEU C 266 -11.98 -8.05 8.74
N LYS C 267 -12.17 -7.07 7.87
CA LYS C 267 -11.99 -5.64 8.23
C LYS C 267 -13.35 -4.97 8.48
N ASP C 268 -14.44 -5.75 8.51
CA ASP C 268 -15.82 -5.24 8.71
C ASP C 268 -16.08 -4.00 7.82
N GLN C 269 -15.96 -4.16 6.51
CA GLN C 269 -16.02 -3.01 5.56
C GLN C 269 -17.46 -2.63 5.21
N ARG C 270 -18.42 -3.55 5.29
CA ARG C 270 -19.81 -3.31 4.82
C ARG C 270 -19.76 -2.88 3.34
N ARG C 271 -19.05 -3.67 2.52
CA ARG C 271 -19.09 -3.58 1.04
C ARG C 271 -20.46 -3.99 0.55
N ILE C 272 -20.95 -3.34 -0.50
CA ILE C 272 -22.00 -3.95 -1.36
C ILE C 272 -21.30 -4.76 -2.45
N LEU C 273 -21.46 -6.08 -2.41
CA LEU C 273 -20.84 -7.03 -3.36
C LEU C 273 -21.89 -8.07 -3.71
N PRO C 274 -21.92 -8.56 -4.96
CA PRO C 274 -22.70 -9.74 -5.29
C PRO C 274 -22.08 -10.98 -4.61
N ALA C 275 -22.92 -11.83 -4.01
CA ALA C 275 -22.50 -13.05 -3.31
C ALA C 275 -23.56 -14.13 -3.53
N ILE C 276 -23.17 -15.39 -3.40
CA ILE C 276 -24.09 -16.55 -3.41
C ILE C 276 -24.60 -16.69 -1.97
N ALA C 277 -25.85 -16.26 -1.74
CA ALA C 277 -26.43 -16.13 -0.40
C ALA C 277 -27.73 -16.92 -0.36
N TYR C 278 -28.06 -17.39 0.85
CA TYR C 278 -29.28 -18.18 1.13
C TYR C 278 -30.46 -17.22 1.29
N LEU C 279 -31.54 -17.52 0.57
CA LEU C 279 -32.75 -16.65 0.48
C LEU C 279 -33.84 -17.23 1.37
N GLU C 280 -34.47 -16.37 2.19
CA GLU C 280 -35.69 -16.72 2.97
C GLU C 280 -36.77 -15.69 2.66
N GLY C 281 -37.16 -15.60 1.40
CA GLY C 281 -38.22 -14.67 0.95
C GLY C 281 -37.73 -13.76 -0.15
N GLU C 282 -36.45 -13.35 -0.09
CA GLU C 282 -35.93 -12.29 -0.99
C GLU C 282 -36.20 -12.69 -2.43
N TYR C 283 -36.59 -11.73 -3.24
CA TYR C 283 -36.94 -11.88 -4.67
C TYR C 283 -38.10 -12.86 -4.86
N GLY C 284 -38.74 -13.28 -3.78
CA GLY C 284 -39.85 -14.25 -3.80
C GLY C 284 -39.34 -15.68 -3.83
N TYR C 285 -38.06 -15.92 -3.55
CA TYR C 285 -37.46 -17.29 -3.48
C TYR C 285 -37.04 -17.57 -2.04
N GLU C 286 -37.00 -18.86 -1.69
CA GLU C 286 -36.68 -19.29 -0.32
C GLU C 286 -36.11 -20.70 -0.33
N GLY C 287 -35.24 -20.99 0.62
CA GLY C 287 -34.64 -22.32 0.77
C GLY C 287 -33.52 -22.59 -0.21
N ILE C 288 -33.08 -21.62 -1.03
CA ILE C 288 -31.99 -21.78 -2.05
C ILE C 288 -30.85 -20.78 -1.80
N TYR C 289 -29.66 -21.07 -2.34
CA TYR C 289 -28.56 -20.09 -2.52
C TYR C 289 -28.70 -19.51 -3.92
N LEU C 290 -28.50 -18.21 -4.05
CA LEU C 290 -28.61 -17.50 -5.34
C LEU C 290 -27.67 -16.29 -5.32
N GLY C 291 -27.07 -16.00 -6.48
CA GLY C 291 -26.26 -14.79 -6.72
C GLY C 291 -27.11 -13.54 -6.56
N VAL C 292 -26.89 -12.77 -5.49
CA VAL C 292 -27.67 -11.53 -5.22
C VAL C 292 -26.75 -10.50 -4.59
N PRO C 293 -27.11 -9.20 -4.69
CA PRO C 293 -26.33 -8.12 -4.09
C PRO C 293 -26.54 -8.17 -2.58
N THR C 294 -25.48 -7.91 -1.85
CA THR C 294 -25.31 -8.27 -0.44
C THR C 294 -24.55 -7.13 0.24
N ILE C 295 -24.80 -6.87 1.54
CA ILE C 295 -23.81 -6.14 2.38
C ILE C 295 -22.93 -7.21 3.03
N LEU C 296 -21.63 -7.15 2.80
CA LEU C 296 -20.60 -8.08 3.35
C LEU C 296 -19.82 -7.34 4.44
N GLY C 297 -19.91 -7.78 5.68
CA GLY C 297 -19.20 -7.13 6.78
C GLY C 297 -18.71 -8.14 7.77
N GLY C 298 -18.45 -7.70 9.00
CA GLY C 298 -17.86 -8.49 10.08
C GLY C 298 -18.78 -9.62 10.56
N ASN C 299 -20.09 -9.51 10.33
CA ASN C 299 -21.03 -10.62 10.62
C ASN C 299 -21.30 -11.46 9.36
N GLY C 300 -20.48 -11.31 8.31
CA GLY C 300 -20.66 -12.04 7.05
C GLY C 300 -21.68 -11.33 6.17
N ILE C 301 -22.70 -12.04 5.70
CA ILE C 301 -23.80 -11.40 4.92
C ILE C 301 -24.72 -10.67 5.89
N GLU C 302 -24.55 -9.36 5.98
CA GLU C 302 -25.30 -8.45 6.86
C GLU C 302 -26.74 -8.35 6.33
N LYS C 303 -26.90 -8.46 5.01
CA LYS C 303 -28.21 -8.20 4.34
C LYS C 303 -28.12 -8.63 2.90
N VAL C 304 -29.17 -9.28 2.41
CA VAL C 304 -29.41 -9.48 0.97
C VAL C 304 -30.21 -8.27 0.50
N ILE C 305 -29.75 -7.54 -0.52
CA ILE C 305 -30.43 -6.31 -0.98
C ILE C 305 -31.50 -6.72 -2.00
N GLU C 306 -32.72 -6.24 -1.79
CA GLU C 306 -33.86 -6.52 -2.71
C GLU C 306 -34.09 -5.36 -3.65
N LEU C 307 -33.92 -5.59 -4.96
CA LEU C 307 -34.07 -4.53 -5.99
C LEU C 307 -35.45 -4.68 -6.63
N GLU C 308 -36.01 -3.56 -7.07
CA GLU C 308 -37.18 -3.52 -7.98
C GLU C 308 -36.67 -3.93 -9.37
N LEU C 309 -37.01 -5.13 -9.82
CA LEU C 309 -36.68 -5.66 -11.17
C LEU C 309 -37.84 -5.40 -12.13
N THR C 310 -37.53 -5.06 -13.39
CA THR C 310 -38.51 -5.04 -14.50
C THR C 310 -39.08 -6.46 -14.63
N GLU C 311 -40.10 -6.63 -15.49
CA GLU C 311 -40.76 -7.94 -15.72
C GLU C 311 -39.80 -8.88 -16.49
N GLU C 312 -39.01 -8.37 -17.43
CA GLU C 312 -38.00 -9.19 -18.15
C GLU C 312 -37.01 -9.78 -17.14
N GLU C 313 -36.41 -8.92 -16.33
CA GLU C 313 -35.36 -9.25 -15.34
C GLU C 313 -35.91 -10.27 -14.34
N LYS C 314 -37.19 -10.15 -13.95
CA LYS C 314 -37.83 -11.16 -13.07
C LYS C 314 -37.92 -12.50 -13.82
N ALA C 315 -38.25 -12.50 -15.12
CA ALA C 315 -38.33 -13.72 -15.97
C ALA C 315 -36.92 -14.34 -16.09
N ALA C 316 -35.89 -13.54 -16.42
CA ALA C 316 -34.48 -14.02 -16.43
C ALA C 316 -34.10 -14.66 -15.08
N LEU C 317 -34.40 -14.00 -13.95
CA LEU C 317 -33.97 -14.50 -12.61
C LEU C 317 -34.74 -15.79 -12.30
N ALA C 318 -36.03 -15.87 -12.66
CA ALA C 318 -36.84 -17.10 -12.46
C ALA C 318 -36.16 -18.26 -13.24
N LYS C 319 -35.78 -18.02 -14.49
CA LYS C 319 -35.05 -18.99 -15.36
C LYS C 319 -33.74 -19.42 -14.67
N SER C 320 -33.01 -18.46 -14.10
CA SER C 320 -31.74 -18.69 -13.37
C SER C 320 -31.99 -19.52 -12.11
N VAL C 321 -33.04 -19.19 -11.36
CA VAL C 321 -33.45 -19.97 -10.17
C VAL C 321 -33.87 -21.40 -10.60
N GLU C 322 -34.50 -21.56 -11.75
CA GLU C 322 -34.96 -22.89 -12.26
C GLU C 322 -33.74 -23.80 -12.35
N SER C 323 -32.66 -23.33 -12.97
CA SER C 323 -31.38 -24.06 -13.10
C SER C 323 -30.74 -24.36 -11.72
N VAL C 324 -30.86 -23.45 -10.75
CA VAL C 324 -30.35 -23.65 -9.36
C VAL C 324 -31.08 -24.85 -8.74
N LYS C 325 -32.42 -24.81 -8.76
CA LYS C 325 -33.28 -25.90 -8.22
C LYS C 325 -32.95 -27.20 -8.96
N ASN C 326 -32.70 -27.11 -10.27
CA ASN C 326 -32.35 -28.28 -11.11
C ASN C 326 -31.11 -28.97 -10.53
N VAL C 327 -30.08 -28.18 -10.21
CA VAL C 327 -28.79 -28.71 -9.71
C VAL C 327 -28.96 -29.23 -8.28
N MET C 328 -29.82 -28.61 -7.48
CA MET C 328 -30.10 -29.06 -6.08
C MET C 328 -30.79 -30.43 -6.12
N ARG C 329 -31.54 -30.73 -7.19
CA ARG C 329 -32.28 -32.01 -7.36
C ARG C 329 -31.32 -33.12 -7.83
N MET C 330 -30.03 -32.81 -8.01
CA MET C 330 -28.95 -33.82 -8.22
C MET C 330 -28.19 -34.13 -6.93
N LEU C 331 -28.48 -33.42 -5.82
CA LEU C 331 -27.90 -33.68 -4.47
C LEU C 331 -28.63 -34.85 -3.79
N GLU C 332 -28.04 -35.36 -2.69
CA GLU C 332 -28.49 -36.56 -1.91
C GLU C 332 -28.49 -36.26 -0.40
N ALA D 22 4.55 13.54 -23.04
CA ALA D 22 3.40 12.87 -22.36
C ALA D 22 3.90 11.81 -21.37
N MET D 23 3.25 11.73 -20.20
CA MET D 23 3.51 10.70 -19.17
C MET D 23 3.04 9.36 -19.73
N LYS D 24 3.90 8.35 -19.71
CA LYS D 24 3.48 7.01 -20.16
C LYS D 24 4.08 6.01 -19.19
N ARG D 25 3.43 4.87 -19.04
CA ARG D 25 3.81 3.80 -18.09
C ARG D 25 5.07 3.11 -18.62
N LYS D 26 5.87 2.61 -17.70
CA LYS D 26 7.02 1.75 -18.00
C LYS D 26 6.47 0.52 -18.71
N LYS D 27 7.28 -0.06 -19.58
CA LYS D 27 6.95 -1.33 -20.25
C LYS D 27 7.94 -2.40 -19.78
N ILE D 28 7.40 -3.51 -19.25
CA ILE D 28 8.23 -4.64 -18.73
C ILE D 28 7.81 -5.91 -19.46
N SER D 29 8.78 -6.64 -20.01
CA SER D 29 8.52 -7.94 -20.69
C SER D 29 9.11 -9.04 -19.84
N VAL D 30 8.37 -10.13 -19.68
CA VAL D 30 8.81 -11.29 -18.88
C VAL D 30 8.84 -12.47 -19.86
N ILE D 31 10.04 -13.01 -20.08
CA ILE D 31 10.26 -14.15 -20.99
C ILE D 31 10.19 -15.42 -20.15
N GLY D 32 9.36 -16.37 -20.56
CA GLY D 32 9.04 -17.58 -19.76
C GLY D 32 7.74 -17.39 -19.01
N ALA D 33 6.72 -18.17 -19.34
CA ALA D 33 5.34 -18.07 -18.79
C ALA D 33 5.06 -19.26 -17.87
N GLY D 34 6.11 -20.02 -17.52
CA GLY D 34 6.05 -20.99 -16.43
C GLY D 34 5.74 -20.27 -15.14
N PHE D 35 5.81 -20.96 -14.01
CA PHE D 35 5.25 -20.47 -12.72
C PHE D 35 6.04 -19.23 -12.25
N THR D 36 7.36 -19.20 -12.39
CA THR D 36 8.17 -18.05 -11.90
C THR D 36 7.82 -16.80 -12.72
N GLY D 37 7.86 -16.96 -14.04
CA GLY D 37 7.52 -15.91 -15.03
C GLY D 37 6.11 -15.37 -14.84
N ALA D 38 5.10 -16.25 -14.79
CA ALA D 38 3.68 -15.84 -14.63
C ALA D 38 3.54 -15.05 -13.33
N THR D 39 4.14 -15.52 -12.23
CA THR D 39 4.06 -14.94 -10.87
C THR D 39 4.69 -13.55 -10.86
N THR D 40 5.88 -13.42 -11.47
CA THR D 40 6.62 -12.17 -11.64
C THR D 40 5.79 -11.17 -12.44
N ALA D 41 5.10 -11.61 -13.50
CA ALA D 41 4.21 -10.75 -14.32
C ALA D 41 3.09 -10.19 -13.42
N PHE D 42 2.49 -11.02 -12.58
CA PHE D 42 1.33 -10.66 -11.73
C PHE D 42 1.77 -9.69 -10.62
N LEU D 43 2.92 -9.95 -10.03
CA LEU D 43 3.51 -9.08 -8.96
C LEU D 43 3.86 -7.69 -9.53
N LEU D 44 4.42 -7.62 -10.73
CA LEU D 44 4.75 -6.32 -11.38
C LEU D 44 3.46 -5.52 -11.65
N ALA D 45 2.43 -6.16 -12.22
CA ALA D 45 1.14 -5.55 -12.58
C ALA D 45 0.45 -5.06 -11.30
N GLN D 46 0.40 -5.91 -10.27
CA GLN D 46 -0.17 -5.63 -8.93
C GLN D 46 0.40 -4.33 -8.36
N LYS D 47 1.71 -4.11 -8.46
CA LYS D 47 2.44 -2.94 -7.92
C LYS D 47 2.29 -1.72 -8.83
N GLU D 48 1.63 -1.83 -9.98
CA GLU D 48 1.49 -0.78 -11.03
C GLU D 48 2.90 -0.26 -11.44
N LEU D 49 3.87 -1.13 -11.66
CA LEU D 49 5.24 -0.67 -12.04
C LEU D 49 5.30 -0.38 -13.54
N GLY D 50 4.37 -0.94 -14.33
CA GLY D 50 4.27 -0.71 -15.78
C GLY D 50 3.32 -1.68 -16.46
N ASP D 51 3.23 -1.57 -17.78
CA ASP D 51 2.49 -2.54 -18.63
C ASP D 51 3.36 -3.80 -18.74
N VAL D 52 2.75 -4.96 -18.73
CA VAL D 52 3.50 -6.23 -18.71
C VAL D 52 3.14 -7.01 -19.98
N VAL D 53 4.17 -7.47 -20.69
CA VAL D 53 4.04 -8.47 -21.77
C VAL D 53 4.66 -9.78 -21.31
N LEU D 54 3.90 -10.86 -21.38
CA LEU D 54 4.32 -12.20 -20.92
C LEU D 54 4.54 -13.04 -22.17
N VAL D 55 5.79 -13.46 -22.39
CA VAL D 55 6.26 -14.13 -23.63
C VAL D 55 6.60 -15.60 -23.33
N ASP D 56 6.22 -16.49 -24.23
CA ASP D 56 6.81 -17.85 -24.29
C ASP D 56 6.66 -18.36 -25.74
N ILE D 57 7.11 -19.58 -25.99
CA ILE D 57 7.18 -20.22 -27.33
C ILE D 57 5.76 -20.39 -27.88
N PRO D 58 5.60 -20.28 -29.22
CA PRO D 58 4.31 -20.46 -29.88
C PRO D 58 3.56 -21.74 -29.49
N GLN D 59 4.24 -22.83 -29.14
CA GLN D 59 3.50 -24.07 -28.78
C GLN D 59 2.75 -23.82 -27.46
N LEU D 60 3.21 -22.86 -26.64
CA LEU D 60 2.59 -22.54 -25.31
C LEU D 60 1.77 -21.24 -25.38
N GLU D 61 1.43 -20.76 -26.58
CA GLU D 61 0.81 -19.44 -26.83
C GLU D 61 -0.52 -19.27 -26.08
N ASN D 62 -1.41 -20.28 -26.14
CA ASN D 62 -2.79 -20.19 -25.60
C ASN D 62 -2.76 -20.31 -24.08
N PRO D 63 -2.01 -21.25 -23.46
CA PRO D 63 -1.78 -21.16 -22.02
C PRO D 63 -1.25 -19.77 -21.59
N THR D 64 -0.31 -19.20 -22.33
CA THR D 64 0.32 -17.91 -21.96
C THR D 64 -0.72 -16.78 -22.00
N LYS D 65 -1.59 -16.83 -23.01
CA LYS D 65 -2.63 -15.80 -23.25
C LYS D 65 -3.62 -15.86 -22.10
N GLY D 66 -3.99 -17.10 -21.72
CA GLY D 66 -4.91 -17.46 -20.64
C GLY D 66 -4.43 -16.91 -19.31
N LYS D 67 -3.19 -17.19 -18.94
CA LYS D 67 -2.54 -16.70 -17.71
C LYS D 67 -2.65 -15.18 -17.63
N ALA D 68 -2.20 -14.46 -18.67
CA ALA D 68 -2.11 -12.99 -18.72
C ALA D 68 -3.51 -12.33 -18.65
N LEU D 69 -4.48 -12.91 -19.36
CA LEU D 69 -5.85 -12.40 -19.41
C LEU D 69 -6.51 -12.67 -18.05
N ASP D 70 -6.26 -13.84 -17.46
CA ASP D 70 -6.71 -14.20 -16.10
C ASP D 70 -6.19 -13.15 -15.13
N MET D 71 -4.90 -12.77 -15.26
CA MET D 71 -4.26 -11.75 -14.43
C MET D 71 -4.94 -10.39 -14.63
N LEU D 72 -5.22 -10.04 -15.89
CA LEU D 72 -5.83 -8.72 -16.24
C LEU D 72 -7.24 -8.69 -15.64
N GLU D 73 -7.97 -9.78 -15.71
CA GLU D 73 -9.35 -9.89 -15.14
C GLU D 73 -9.33 -9.74 -13.60
N ALA D 74 -8.17 -9.87 -12.94
CA ALA D 74 -8.05 -9.66 -11.47
C ALA D 74 -7.91 -8.17 -11.12
N SER D 75 -7.55 -7.33 -12.10
CA SER D 75 -7.16 -5.91 -11.88
C SER D 75 -8.31 -5.05 -11.32
N PRO D 76 -9.61 -5.21 -11.71
CA PRO D 76 -10.68 -4.39 -11.14
C PRO D 76 -10.87 -4.70 -9.66
N VAL D 77 -10.58 -5.94 -9.28
CA VAL D 77 -10.82 -6.47 -7.91
C VAL D 77 -9.68 -6.00 -7.01
N LEU D 78 -8.42 -6.30 -7.35
CA LEU D 78 -7.23 -5.87 -6.56
C LEU D 78 -7.02 -4.36 -6.68
N GLY D 79 -7.62 -3.71 -7.66
CA GLY D 79 -7.59 -2.25 -7.86
C GLY D 79 -6.25 -1.73 -8.36
N PHE D 80 -5.68 -2.32 -9.42
CA PHE D 80 -4.46 -1.80 -10.07
C PHE D 80 -4.81 -1.50 -11.53
N ASP D 81 -4.27 -0.41 -12.08
CA ASP D 81 -4.28 -0.10 -13.53
C ASP D 81 -2.96 -0.62 -14.13
N ALA D 82 -3.03 -1.68 -14.94
CA ALA D 82 -1.88 -2.22 -15.70
C ALA D 82 -2.41 -3.04 -16.88
N ASN D 83 -1.87 -2.87 -18.09
CA ASN D 83 -2.14 -3.83 -19.19
C ASN D 83 -1.24 -5.07 -19.04
N ILE D 84 -1.80 -6.25 -19.30
CA ILE D 84 -1.11 -7.57 -19.28
C ILE D 84 -1.59 -8.34 -20.52
N ILE D 85 -0.67 -8.67 -21.43
CA ILE D 85 -0.95 -9.56 -22.60
C ILE D 85 0.09 -10.68 -22.65
N GLY D 86 -0.39 -11.90 -22.93
CA GLY D 86 0.41 -13.06 -23.33
C GLY D 86 0.64 -13.07 -24.82
N THR D 87 1.82 -13.53 -25.25
CA THR D 87 2.22 -13.60 -26.68
C THR D 87 3.32 -14.65 -26.90
N SER D 88 3.48 -15.08 -28.16
CA SER D 88 4.68 -15.79 -28.65
C SER D 88 5.48 -14.89 -29.61
N ASP D 89 5.00 -13.68 -29.87
CA ASP D 89 5.63 -12.73 -30.82
C ASP D 89 6.38 -11.64 -30.04
N TYR D 90 7.72 -11.61 -30.17
CA TYR D 90 8.64 -10.67 -29.47
C TYR D 90 8.41 -9.23 -29.96
N ALA D 91 7.72 -9.06 -31.08
CA ALA D 91 7.34 -7.73 -31.63
C ALA D 91 6.56 -6.95 -30.55
N ASP D 92 5.76 -7.67 -29.75
CA ASP D 92 4.89 -7.11 -28.67
C ASP D 92 5.75 -6.65 -27.50
N THR D 93 7.02 -7.07 -27.41
CA THR D 93 7.96 -6.65 -26.33
C THR D 93 8.62 -5.33 -26.72
N ALA D 94 8.23 -4.75 -27.85
CA ALA D 94 8.93 -3.59 -28.48
C ALA D 94 9.02 -2.45 -27.46
N ASP D 95 10.23 -1.93 -27.23
CA ASP D 95 10.53 -0.74 -26.39
C ASP D 95 10.23 -1.03 -24.90
N SER D 96 10.40 -2.27 -24.46
CA SER D 96 10.43 -2.66 -23.03
C SER D 96 11.51 -1.82 -22.33
N ASP D 97 11.21 -1.25 -21.16
CA ASP D 97 12.25 -0.52 -20.37
C ASP D 97 13.06 -1.57 -19.62
N ILE D 98 12.45 -2.71 -19.29
CA ILE D 98 13.13 -3.80 -18.56
C ILE D 98 12.64 -5.11 -19.17
N VAL D 99 13.54 -6.07 -19.26
CA VAL D 99 13.16 -7.45 -19.65
C VAL D 99 13.69 -8.40 -18.59
N VAL D 100 12.84 -9.33 -18.17
CA VAL D 100 13.16 -10.32 -17.11
C VAL D 100 13.16 -11.67 -17.82
N ILE D 101 14.30 -12.36 -17.79
CA ILE D 101 14.47 -13.65 -18.52
C ILE D 101 14.30 -14.78 -17.51
N THR D 102 13.29 -15.60 -17.74
CA THR D 102 12.83 -16.70 -16.87
C THR D 102 12.82 -18.02 -17.68
N ALA D 103 13.22 -18.00 -18.95
CA ALA D 103 13.10 -19.15 -19.88
C ALA D 103 14.15 -20.23 -19.53
N GLY D 104 14.03 -21.44 -20.10
CA GLY D 104 15.02 -22.54 -19.96
C GLY D 104 14.48 -23.71 -19.16
N ILE D 105 15.34 -24.70 -18.87
CA ILE D 105 15.07 -25.86 -17.97
C ILE D 105 15.74 -25.58 -16.61
N LEU D 116 24.21 -29.97 -19.71
CA LEU D 116 22.80 -29.48 -19.60
C LEU D 116 22.79 -28.00 -19.21
N VAL D 117 23.93 -27.33 -19.36
CA VAL D 117 24.15 -25.86 -19.24
C VAL D 117 24.00 -25.25 -20.63
N THR D 118 24.47 -25.98 -21.67
CA THR D 118 24.43 -25.65 -23.12
C THR D 118 22.98 -25.63 -23.61
N THR D 119 22.11 -26.48 -23.03
CA THR D 119 20.63 -26.43 -23.11
C THR D 119 20.17 -24.98 -22.89
N ASN D 120 20.46 -24.40 -21.70
CA ASN D 120 19.99 -23.06 -21.29
C ASN D 120 20.82 -21.96 -21.98
N GLN D 121 22.08 -22.20 -22.35
CA GLN D 121 22.93 -21.22 -23.08
C GLN D 121 22.29 -20.84 -24.44
N LYS D 122 21.77 -21.83 -25.17
CA LYS D 122 21.26 -21.65 -26.56
C LYS D 122 19.93 -20.90 -26.51
N ILE D 123 19.09 -21.27 -25.53
CA ILE D 123 17.83 -20.55 -25.19
C ILE D 123 18.20 -19.12 -24.80
N MET D 124 19.19 -18.90 -23.92
CA MET D 124 19.65 -17.52 -23.54
C MET D 124 20.04 -16.73 -24.79
N LYS D 125 20.54 -17.39 -25.84
CA LYS D 125 21.07 -16.73 -27.07
C LYS D 125 19.92 -16.38 -28.03
N GLN D 126 19.02 -17.32 -28.30
CA GLN D 126 17.86 -17.15 -29.19
C GLN D 126 16.95 -16.05 -28.62
N VAL D 127 16.68 -16.11 -27.31
CA VAL D 127 15.86 -15.11 -26.55
C VAL D 127 16.53 -13.73 -26.65
N THR D 128 17.79 -13.61 -26.22
CA THR D 128 18.52 -12.32 -26.13
C THR D 128 18.50 -11.60 -27.47
N LYS D 129 18.69 -12.34 -28.57
CA LYS D 129 18.72 -11.79 -29.95
C LYS D 129 17.38 -11.10 -30.23
N GLU D 130 16.28 -11.81 -30.02
CA GLU D 130 14.89 -11.31 -30.21
C GLU D 130 14.62 -10.09 -29.30
N VAL D 131 14.90 -10.21 -27.99
CA VAL D 131 14.71 -9.08 -26.99
C VAL D 131 15.48 -7.84 -27.47
N VAL D 132 16.74 -8.04 -27.84
CA VAL D 132 17.68 -6.95 -28.22
C VAL D 132 17.16 -6.18 -29.45
N LYS D 133 16.52 -6.86 -30.41
CA LYS D 133 16.06 -6.21 -31.67
C LYS D 133 14.92 -5.23 -31.39
N TYR D 134 13.97 -5.62 -30.54
CA TYR D 134 12.69 -4.90 -30.33
C TYR D 134 12.87 -3.82 -29.27
N SER D 135 13.71 -4.06 -28.26
CA SER D 135 14.08 -3.09 -27.20
C SER D 135 15.60 -2.98 -27.12
N PRO D 136 16.24 -2.16 -27.97
CA PRO D 136 17.69 -1.93 -27.90
C PRO D 136 18.21 -1.23 -26.62
N ASN D 137 17.34 -0.54 -25.87
CA ASN D 137 17.72 0.36 -24.75
C ASN D 137 17.37 -0.28 -23.41
N CYS D 138 16.90 -1.52 -23.43
CA CYS D 138 16.27 -2.19 -22.27
C CYS D 138 17.35 -2.57 -21.26
N TYR D 139 16.94 -2.74 -20.00
CA TYR D 139 17.71 -3.40 -18.93
C TYR D 139 17.29 -4.84 -18.91
N ILE D 140 18.20 -5.72 -18.50
CA ILE D 140 17.87 -7.16 -18.51
C ILE D 140 18.20 -7.76 -17.14
N ILE D 141 17.26 -8.55 -16.61
CA ILE D 141 17.47 -9.32 -15.37
C ILE D 141 17.29 -10.80 -15.71
N VAL D 142 18.28 -11.62 -15.37
CA VAL D 142 18.27 -13.06 -15.73
C VAL D 142 18.08 -13.87 -14.46
N LEU D 143 17.04 -14.71 -14.44
CA LEU D 143 16.80 -15.69 -13.36
C LEU D 143 17.53 -17.00 -13.71
N THR D 144 17.55 -17.35 -15.00
CA THR D 144 17.82 -18.72 -15.55
C THR D 144 19.09 -19.32 -14.93
N ASN D 145 19.00 -20.54 -14.40
CA ASN D 145 20.14 -21.26 -13.77
C ASN D 145 20.99 -21.93 -14.87
N PRO D 146 22.34 -22.04 -14.69
CA PRO D 146 23.07 -21.43 -13.59
C PRO D 146 23.32 -19.96 -13.89
N VAL D 147 22.99 -19.08 -12.93
CA VAL D 147 22.75 -17.64 -13.22
C VAL D 147 24.04 -16.98 -13.71
N ASP D 148 25.18 -17.29 -13.06
CA ASP D 148 26.49 -16.61 -13.33
C ASP D 148 26.81 -16.75 -14.84
N ALA D 149 26.63 -17.95 -15.37
CA ALA D 149 27.02 -18.33 -16.75
C ALA D 149 25.92 -17.89 -17.73
N MET D 150 24.65 -18.09 -17.36
CA MET D 150 23.50 -17.70 -18.21
C MET D 150 23.47 -16.17 -18.37
N THR D 151 23.74 -15.39 -17.31
CA THR D 151 23.79 -13.91 -17.40
C THR D 151 25.00 -13.49 -18.24
N TYR D 152 26.12 -14.23 -18.16
CA TYR D 152 27.32 -13.94 -18.99
C TYR D 152 26.95 -14.04 -20.48
N THR D 153 26.40 -15.18 -20.88
CA THR D 153 25.85 -15.42 -22.25
C THR D 153 24.98 -14.23 -22.67
N VAL D 154 23.96 -13.86 -21.86
CA VAL D 154 23.02 -12.76 -22.21
C VAL D 154 23.80 -11.45 -22.37
N PHE D 155 24.79 -11.22 -21.50
CA PHE D 155 25.69 -10.04 -21.60
C PHE D 155 26.42 -10.07 -22.96
N LYS D 156 27.12 -11.16 -23.29
CA LYS D 156 27.99 -11.20 -24.50
C LYS D 156 27.08 -11.00 -25.74
N GLU D 157 26.06 -11.84 -25.89
CA GLU D 157 25.11 -11.87 -27.03
C GLU D 157 24.44 -10.50 -27.24
N SER D 158 24.25 -9.69 -26.20
CA SER D 158 23.44 -8.43 -26.25
C SER D 158 24.30 -7.28 -26.79
N GLY D 159 25.58 -7.32 -26.46
CA GLY D 159 26.52 -6.20 -26.67
C GLY D 159 26.10 -4.96 -25.92
N PHE D 160 25.30 -5.08 -24.84
CA PHE D 160 24.96 -3.96 -23.93
C PHE D 160 26.15 -3.65 -23.02
N PRO D 161 26.29 -2.43 -22.46
CA PRO D 161 27.25 -2.17 -21.39
C PRO D 161 26.90 -2.99 -20.13
N LYS D 162 27.84 -3.16 -19.21
CA LYS D 162 27.75 -4.18 -18.11
C LYS D 162 26.66 -3.82 -17.08
N ASN D 163 26.35 -2.53 -16.95
CA ASN D 163 25.33 -2.02 -15.98
C ASN D 163 23.91 -2.47 -16.42
N ARG D 164 23.71 -2.91 -17.67
CA ARG D 164 22.35 -3.16 -18.21
C ARG D 164 22.01 -4.65 -18.18
N VAL D 165 22.91 -5.49 -17.68
CA VAL D 165 22.68 -6.97 -17.64
C VAL D 165 23.04 -7.47 -16.24
N ILE D 166 21.99 -7.86 -15.49
CA ILE D 166 22.06 -8.31 -14.08
C ILE D 166 21.44 -9.71 -14.02
N GLY D 167 21.93 -10.50 -13.08
CA GLY D 167 21.33 -11.80 -12.78
C GLY D 167 20.81 -11.76 -11.37
N GLN D 168 19.86 -12.61 -11.07
CA GLN D 168 19.28 -12.70 -9.72
C GLN D 168 19.94 -13.89 -9.04
N SER D 169 20.33 -13.78 -7.76
CA SER D 169 20.70 -14.95 -6.93
C SER D 169 20.68 -14.61 -5.45
N GLY D 170 21.46 -13.61 -5.05
CA GLY D 170 21.72 -13.26 -3.64
C GLY D 170 20.43 -12.89 -2.90
N VAL D 171 19.50 -12.20 -3.57
CA VAL D 171 18.23 -11.76 -2.92
C VAL D 171 17.42 -12.99 -2.48
N LEU D 172 17.34 -14.00 -3.34
CA LEU D 172 16.59 -15.25 -3.04
C LEU D 172 17.26 -15.97 -1.87
N ASP D 173 18.58 -16.10 -1.87
CA ASP D 173 19.32 -16.80 -0.80
C ASP D 173 19.13 -16.03 0.51
N THR D 174 19.30 -14.71 0.45
CA THR D 174 19.06 -13.73 1.54
C THR D 174 17.62 -13.91 2.08
N ALA D 175 16.63 -14.04 1.19
CA ALA D 175 15.20 -14.17 1.57
C ALA D 175 15.04 -15.45 2.38
N ARG D 176 15.56 -16.57 1.89
CA ARG D 176 15.44 -17.87 2.60
C ARG D 176 16.12 -17.75 3.96
N PHE D 177 17.36 -17.24 3.98
CA PHE D 177 18.18 -17.14 5.21
C PHE D 177 17.39 -16.28 6.21
N ARG D 178 16.79 -15.17 5.78
CA ARG D 178 15.99 -14.29 6.68
C ARG D 178 14.77 -15.06 7.19
N THR D 179 14.09 -15.81 6.34
CA THR D 179 12.91 -16.61 6.78
C THR D 179 13.36 -17.58 7.88
N PHE D 180 14.50 -18.25 7.68
CA PHE D 180 14.98 -19.31 8.59
C PHE D 180 15.40 -18.67 9.92
N VAL D 181 16.07 -17.52 9.90
CA VAL D 181 16.50 -16.80 11.16
C VAL D 181 15.26 -16.25 11.90
N ALA D 182 14.28 -15.67 11.19
CA ALA D 182 13.03 -15.13 11.82
C ALA D 182 12.30 -16.27 12.56
N GLU D 183 12.22 -17.45 11.96
CA GLU D 183 11.62 -18.66 12.59
C GLU D 183 12.42 -19.03 13.85
N GLU D 184 13.76 -18.95 13.80
CA GLU D 184 14.65 -19.38 14.91
C GLU D 184 14.51 -18.39 16.08
N LEU D 185 14.44 -17.10 15.81
CA LEU D 185 14.38 -16.06 16.88
C LEU D 185 12.95 -15.67 17.24
N ASN D 186 11.95 -16.08 16.44
CA ASN D 186 10.52 -15.70 16.58
C ASN D 186 10.40 -14.17 16.52
N ILE D 187 10.91 -13.59 15.44
CA ILE D 187 10.88 -12.12 15.21
C ILE D 187 10.47 -11.85 13.77
N SER D 188 10.00 -10.63 13.51
CA SER D 188 9.67 -10.17 12.13
C SER D 188 10.88 -10.40 11.21
N VAL D 189 10.63 -10.96 10.04
CA VAL D 189 11.63 -10.99 8.95
C VAL D 189 12.06 -9.56 8.56
N LYS D 190 11.28 -8.52 8.85
CA LYS D 190 11.68 -7.14 8.46
C LYS D 190 13.00 -6.77 9.14
N ASP D 191 13.33 -7.39 10.26
CA ASP D 191 14.46 -6.93 11.13
C ASP D 191 15.64 -7.90 11.08
N VAL D 192 15.59 -8.88 10.18
CA VAL D 192 16.68 -9.85 9.96
C VAL D 192 17.41 -9.44 8.67
N THR D 193 18.74 -9.44 8.65
CA THR D 193 19.50 -9.24 7.38
C THR D 193 20.43 -10.45 7.19
N GLY D 194 20.53 -10.93 5.96
CA GLY D 194 21.56 -11.87 5.50
C GLY D 194 22.57 -11.15 4.63
N PHE D 195 23.73 -11.76 4.42
CA PHE D 195 24.74 -11.20 3.50
C PHE D 195 25.35 -12.35 2.70
N VAL D 196 25.18 -12.31 1.39
CA VAL D 196 25.50 -13.43 0.46
C VAL D 196 26.29 -12.89 -0.74
N LEU D 197 27.54 -13.34 -0.86
CA LEU D 197 28.35 -13.26 -2.11
C LEU D 197 28.28 -14.62 -2.79
N GLY D 198 28.43 -14.64 -4.11
CA GLY D 198 28.40 -15.87 -4.93
C GLY D 198 26.98 -16.41 -5.12
N GLY D 199 26.90 -17.64 -5.63
CA GLY D 199 25.66 -18.22 -6.16
C GLY D 199 24.98 -19.08 -5.13
N HIS D 200 24.24 -20.09 -5.57
CA HIS D 200 23.43 -20.97 -4.71
C HIS D 200 24.27 -22.16 -4.23
N GLY D 201 23.71 -22.97 -3.34
CA GLY D 201 24.27 -24.25 -2.88
C GLY D 201 25.69 -24.09 -2.40
N ASP D 202 26.59 -24.91 -2.92
CA ASP D 202 27.98 -25.00 -2.42
C ASP D 202 28.77 -23.76 -2.87
N ASP D 203 28.30 -23.03 -3.90
CA ASP D 203 28.95 -21.80 -4.44
C ASP D 203 28.66 -20.57 -3.56
N MET D 204 27.71 -20.66 -2.63
CA MET D 204 27.26 -19.51 -1.81
C MET D 204 28.37 -19.17 -0.82
N VAL D 205 28.61 -17.87 -0.62
CA VAL D 205 29.61 -17.35 0.37
C VAL D 205 28.90 -16.39 1.32
N PRO D 206 28.30 -16.91 2.40
CA PRO D 206 27.63 -16.09 3.40
C PRO D 206 28.61 -15.45 4.38
N LEU D 207 28.40 -14.17 4.65
CA LEU D 207 29.07 -13.43 5.73
C LEU D 207 28.11 -13.37 6.91
N VAL D 208 28.15 -14.38 7.78
CA VAL D 208 27.32 -14.44 9.00
C VAL D 208 27.73 -13.28 9.91
N ARG D 209 28.94 -12.74 9.74
CA ARG D 209 29.39 -11.63 10.63
C ARG D 209 28.70 -10.33 10.18
N TYR D 210 28.16 -10.30 8.95
CA TYR D 210 27.37 -9.16 8.39
C TYR D 210 25.88 -9.53 8.34
N SER D 211 25.47 -10.43 9.25
CA SER D 211 24.09 -10.96 9.40
C SER D 211 23.62 -10.68 10.83
N TYR D 212 22.49 -9.99 10.95
CA TYR D 212 22.02 -9.36 12.21
C TYR D 212 20.53 -9.61 12.43
N ALA D 213 20.10 -9.42 13.68
CA ALA D 213 18.69 -9.25 14.08
C ALA D 213 18.58 -7.90 14.78
N GLY D 214 17.88 -6.96 14.16
CA GLY D 214 17.76 -5.57 14.65
C GLY D 214 19.13 -4.91 14.76
N GLY D 215 20.10 -5.35 13.95
CA GLY D 215 21.47 -4.81 13.95
C GLY D 215 22.42 -5.58 14.86
N ILE D 216 21.93 -6.58 15.58
CA ILE D 216 22.73 -7.40 16.54
C ILE D 216 23.30 -8.58 15.76
N PRO D 217 24.64 -8.74 15.74
CA PRO D 217 25.27 -9.87 15.05
C PRO D 217 24.65 -11.22 15.46
N LEU D 218 24.33 -12.05 14.48
CA LEU D 218 23.58 -13.31 14.71
C LEU D 218 24.44 -14.29 15.49
N GLU D 219 25.76 -14.16 15.39
CA GLU D 219 26.71 -15.03 16.15
C GLU D 219 26.49 -14.80 17.64
N LYS D 220 25.94 -13.65 18.03
CA LYS D 220 25.65 -13.30 19.45
C LYS D 220 24.32 -13.91 19.91
N LEU D 221 23.42 -14.29 18.99
CA LEU D 221 22.00 -14.63 19.31
C LEU D 221 21.71 -16.12 19.11
N ILE D 222 22.28 -16.74 18.08
CA ILE D 222 22.02 -18.16 17.71
C ILE D 222 23.29 -18.99 17.92
N PRO D 223 23.26 -20.06 18.75
CA PRO D 223 24.42 -20.94 18.94
C PRO D 223 24.91 -21.55 17.62
N LYS D 224 26.19 -21.90 17.54
CA LYS D 224 26.93 -22.26 16.29
C LYS D 224 26.24 -23.39 15.52
N ASP D 225 25.85 -24.48 16.19
CA ASP D 225 25.22 -25.65 15.52
C ASP D 225 23.98 -25.15 14.75
N ARG D 226 23.11 -24.35 15.37
CA ARG D 226 21.81 -23.93 14.75
C ARG D 226 22.10 -22.93 13.64
N LEU D 227 23.07 -22.03 13.83
CA LEU D 227 23.42 -21.01 12.81
C LEU D 227 24.01 -21.72 11.61
N ASP D 228 24.98 -22.60 11.85
CA ASP D 228 25.61 -23.42 10.78
C ASP D 228 24.51 -24.20 10.05
N ALA D 229 23.50 -24.69 10.78
CA ALA D 229 22.35 -25.43 10.21
C ALA D 229 21.46 -24.51 9.35
N ILE D 230 21.38 -23.20 9.63
CA ILE D 230 20.58 -22.22 8.83
C ILE D 230 21.31 -21.87 7.53
N VAL D 231 22.62 -21.61 7.62
CA VAL D 231 23.49 -21.35 6.46
C VAL D 231 23.27 -22.51 5.49
N GLU D 232 23.24 -23.73 6.05
CA GLU D 232 23.16 -25.04 5.36
C GLU D 232 21.76 -25.22 4.76
N ARG D 233 20.69 -24.88 5.48
CA ARG D 233 19.34 -24.91 4.89
C ARG D 233 19.25 -23.91 3.73
N THR D 234 19.93 -22.77 3.85
CA THR D 234 19.98 -21.72 2.79
C THR D 234 20.63 -22.33 1.54
N ARG D 235 21.72 -23.07 1.71
CA ARG D 235 22.46 -23.69 0.57
C ARG D 235 21.51 -24.62 -0.19
N LYS D 236 20.77 -25.43 0.54
CA LYS D 236 19.89 -26.51 0.00
C LYS D 236 18.48 -25.95 -0.33
N GLY D 237 18.27 -24.64 -0.15
CA GLY D 237 16.93 -24.01 -0.11
C GLY D 237 16.12 -24.29 -1.36
N GLY D 238 16.75 -24.16 -2.54
CA GLY D 238 16.16 -24.42 -3.86
C GLY D 238 15.72 -25.86 -3.96
N GLY D 239 16.59 -26.78 -3.54
CA GLY D 239 16.33 -28.23 -3.55
C GLY D 239 15.28 -28.62 -2.54
N GLU D 240 15.22 -27.93 -1.39
CA GLU D 240 14.21 -28.20 -0.34
C GLU D 240 12.82 -28.05 -0.96
N ILE D 241 12.64 -27.07 -1.86
CA ILE D 241 11.30 -26.77 -2.45
C ILE D 241 11.00 -27.79 -3.57
N VAL D 242 11.97 -28.05 -4.46
CA VAL D 242 11.84 -29.06 -5.55
C VAL D 242 11.37 -30.37 -4.91
N ASN D 243 12.00 -30.76 -3.81
CA ASN D 243 11.80 -32.11 -3.21
C ASN D 243 10.36 -32.18 -2.72
N LEU D 244 9.86 -31.14 -2.04
CA LEU D 244 8.45 -31.04 -1.56
C LEU D 244 7.49 -31.03 -2.75
N LEU D 245 7.72 -30.22 -3.78
CA LEU D 245 6.78 -30.10 -4.94
C LEU D 245 6.65 -31.45 -5.66
N GLY D 246 7.78 -32.11 -5.97
CA GLY D 246 7.83 -33.40 -6.70
C GLY D 246 7.94 -33.19 -8.20
N ASN D 247 7.61 -31.98 -8.66
CA ASN D 247 7.67 -31.54 -10.08
C ASN D 247 7.93 -30.03 -10.10
N GLY D 248 8.86 -29.57 -10.94
CA GLY D 248 9.23 -28.15 -11.07
C GLY D 248 9.90 -27.62 -9.80
N SER D 249 10.25 -26.34 -9.81
CA SER D 249 11.04 -25.66 -8.77
C SER D 249 10.24 -24.51 -8.11
N ALA D 250 10.87 -23.83 -7.14
CA ALA D 250 10.30 -22.68 -6.39
C ALA D 250 9.81 -21.65 -7.41
N TYR D 251 8.81 -20.82 -7.07
CA TYR D 251 8.41 -19.70 -7.96
C TYR D 251 7.99 -18.45 -7.15
N TYR D 252 7.32 -18.57 -5.99
CA TYR D 252 6.90 -17.37 -5.20
C TYR D 252 8.12 -16.53 -4.83
N ALA D 253 9.10 -17.11 -4.13
CA ALA D 253 10.26 -16.36 -3.58
C ALA D 253 11.16 -15.89 -4.72
N PRO D 254 11.44 -16.72 -5.76
CA PRO D 254 12.20 -16.26 -6.91
C PRO D 254 11.51 -15.07 -7.63
N ALA D 255 10.20 -15.13 -7.86
CA ALA D 255 9.44 -14.04 -8.55
C ALA D 255 9.60 -12.74 -7.76
N ALA D 256 9.34 -12.80 -6.45
CA ALA D 256 9.52 -11.66 -5.52
C ALA D 256 10.93 -11.09 -5.70
N SER D 257 11.97 -11.92 -5.55
CA SER D 257 13.39 -11.53 -5.74
C SER D 257 13.58 -10.71 -7.04
N LEU D 258 13.07 -11.19 -8.17
CA LEU D 258 13.12 -10.47 -9.48
C LEU D 258 12.40 -9.14 -9.36
N VAL D 259 11.27 -9.10 -8.65
CA VAL D 259 10.40 -7.90 -8.58
C VAL D 259 11.10 -6.81 -7.77
N GLU D 260 11.73 -7.14 -6.64
CA GLU D 260 12.52 -6.15 -5.85
C GLU D 260 13.62 -5.54 -6.72
N MET D 261 14.25 -6.37 -7.54
CA MET D 261 15.40 -5.88 -8.36
C MET D 261 14.85 -4.95 -9.42
N VAL D 262 13.75 -5.34 -10.09
CA VAL D 262 13.05 -4.53 -11.12
C VAL D 262 12.61 -3.19 -10.51
N GLU D 263 12.00 -3.22 -9.32
CA GLU D 263 11.45 -1.98 -8.69
C GLU D 263 12.62 -1.02 -8.46
N ALA D 264 13.79 -1.52 -8.04
CA ALA D 264 14.93 -0.68 -7.65
C ALA D 264 15.41 0.10 -8.89
N ILE D 265 15.38 -0.55 -10.06
CA ILE D 265 15.74 0.09 -11.34
C ILE D 265 14.64 1.06 -11.74
N LEU D 266 13.40 0.59 -11.97
CA LEU D 266 12.25 1.40 -12.49
C LEU D 266 12.00 2.62 -11.60
N LYS D 267 12.10 2.51 -10.27
CA LYS D 267 11.84 3.68 -9.35
C LYS D 267 13.16 4.34 -8.94
N ASP D 268 14.28 3.96 -9.55
CA ASP D 268 15.63 4.53 -9.28
C ASP D 268 15.89 4.60 -7.77
N GLN D 269 15.83 3.45 -7.09
CA GLN D 269 15.85 3.43 -5.60
C GLN D 269 17.27 3.49 -5.05
N ARG D 270 18.29 3.02 -5.80
CA ARG D 270 19.70 2.95 -5.30
C ARG D 270 19.67 2.10 -4.04
N ARG D 271 19.01 0.95 -4.14
CA ARG D 271 19.03 -0.13 -3.14
C ARG D 271 20.46 -0.66 -3.10
N ILE D 272 20.90 -1.14 -1.96
CA ILE D 272 22.06 -2.07 -1.85
C ILE D 272 21.47 -3.47 -1.84
N LEU D 273 21.66 -4.21 -2.93
CA LEU D 273 21.18 -5.60 -3.04
C LEU D 273 22.30 -6.46 -3.59
N PRO D 274 22.41 -7.74 -3.17
CA PRO D 274 23.30 -8.68 -3.84
C PRO D 274 22.70 -8.95 -5.22
N ALA D 275 23.56 -8.87 -6.24
CA ALA D 275 23.25 -9.19 -7.65
C ALA D 275 24.41 -9.96 -8.29
N ILE D 276 24.10 -10.75 -9.31
CA ILE D 276 25.08 -11.42 -10.22
C ILE D 276 25.52 -10.36 -11.22
N ALA D 277 26.69 -9.74 -11.00
CA ALA D 277 27.21 -8.58 -11.76
C ALA D 277 28.54 -8.93 -12.45
N TYR D 278 28.79 -8.32 -13.61
CA TYR D 278 30.05 -8.46 -14.40
C TYR D 278 31.20 -7.74 -13.68
N LEU D 279 32.27 -8.46 -13.32
CA LEU D 279 33.40 -7.90 -12.55
C LEU D 279 34.50 -7.45 -13.53
N GLU D 280 35.17 -6.34 -13.21
CA GLU D 280 36.34 -5.80 -13.94
C GLU D 280 37.41 -5.36 -12.93
N GLY D 281 37.85 -6.28 -12.06
CA GLY D 281 38.92 -6.02 -11.06
C GLY D 281 38.43 -6.19 -9.63
N GLU D 282 37.12 -6.10 -9.39
CA GLU D 282 36.59 -6.05 -8.01
C GLU D 282 36.82 -7.41 -7.35
N TYR D 283 37.24 -7.43 -6.09
CA TYR D 283 37.59 -8.66 -5.32
C TYR D 283 38.78 -9.37 -5.97
N GLY D 284 39.47 -8.70 -6.91
CA GLY D 284 40.63 -9.22 -7.65
C GLY D 284 40.25 -10.20 -8.73
N TYR D 285 39.08 -10.04 -9.35
CA TYR D 285 38.62 -10.90 -10.48
C TYR D 285 38.16 -9.99 -11.65
N GLU D 286 38.11 -10.55 -12.86
CA GLU D 286 37.80 -9.78 -14.11
C GLU D 286 37.19 -10.74 -15.14
N GLY D 287 36.33 -10.20 -16.01
CA GLY D 287 35.65 -10.94 -17.08
C GLY D 287 34.77 -12.06 -16.56
N ILE D 288 34.27 -11.98 -15.33
CA ILE D 288 33.26 -12.97 -14.82
C ILE D 288 32.01 -12.24 -14.30
N TYR D 289 30.87 -12.91 -14.37
CA TYR D 289 29.70 -12.62 -13.50
C TYR D 289 29.85 -13.39 -12.19
N LEU D 290 29.68 -12.68 -11.07
CA LEU D 290 29.72 -13.22 -9.69
C LEU D 290 28.65 -12.52 -8.82
N GLY D 291 28.16 -13.23 -7.81
CA GLY D 291 27.22 -12.70 -6.79
C GLY D 291 27.94 -11.78 -5.82
N VAL D 292 27.71 -10.47 -5.93
CA VAL D 292 28.45 -9.41 -5.18
C VAL D 292 27.46 -8.35 -4.69
N PRO D 293 27.79 -7.50 -3.70
CA PRO D 293 26.88 -6.45 -3.24
C PRO D 293 26.96 -5.38 -4.33
N THR D 294 25.81 -4.83 -4.70
CA THR D 294 25.71 -3.80 -5.77
C THR D 294 24.82 -2.67 -5.26
N ILE D 295 24.87 -1.52 -5.94
CA ILE D 295 23.88 -0.43 -5.80
C ILE D 295 23.01 -0.50 -7.04
N LEU D 296 21.75 -0.85 -6.87
CA LEU D 296 20.80 -1.07 -7.98
C LEU D 296 19.93 0.17 -8.07
N GLY D 297 19.98 0.87 -9.20
CA GLY D 297 19.31 2.16 -9.38
C GLY D 297 18.80 2.30 -10.79
N GLY D 298 18.51 3.53 -11.19
CA GLY D 298 17.90 3.85 -12.50
C GLY D 298 18.81 3.51 -13.66
N ASN D 299 20.13 3.38 -13.44
CA ASN D 299 21.12 2.96 -14.46
C ASN D 299 21.44 1.47 -14.36
N GLY D 300 20.68 0.71 -13.57
CA GLY D 300 20.96 -0.72 -13.30
C GLY D 300 21.99 -0.85 -12.20
N ILE D 301 23.10 -1.57 -12.45
CA ILE D 301 24.25 -1.65 -11.50
C ILE D 301 24.90 -0.28 -11.51
N GLU D 302 24.67 0.51 -10.47
CA GLU D 302 25.29 1.85 -10.33
C GLU D 302 26.79 1.63 -10.05
N LYS D 303 27.13 0.55 -9.34
CA LYS D 303 28.48 0.30 -8.76
C LYS D 303 28.50 -1.09 -8.13
N VAL D 304 29.60 -1.82 -8.29
CA VAL D 304 29.90 -3.01 -7.44
C VAL D 304 30.53 -2.52 -6.15
N ILE D 305 30.06 -2.99 -5.00
CA ILE D 305 30.64 -2.58 -3.70
C ILE D 305 31.75 -3.59 -3.37
N GLU D 306 32.94 -3.07 -3.04
CA GLU D 306 34.14 -3.88 -2.71
C GLU D 306 34.29 -3.88 -1.20
N LEU D 307 34.17 -5.05 -0.60
CA LEU D 307 34.35 -5.23 0.85
C LEU D 307 35.74 -5.79 1.11
N GLU D 308 36.25 -5.47 2.30
CA GLU D 308 37.38 -6.16 2.94
C GLU D 308 36.86 -7.44 3.60
N LEU D 309 37.21 -8.57 3.01
CA LEU D 309 36.88 -9.92 3.53
C LEU D 309 38.00 -10.36 4.47
N THR D 310 37.65 -11.16 5.49
CA THR D 310 38.62 -11.95 6.29
C THR D 310 39.32 -12.93 5.34
N GLU D 311 40.41 -13.51 5.80
CA GLU D 311 41.20 -14.53 5.04
C GLU D 311 40.27 -15.71 4.71
N GLU D 312 39.49 -16.18 5.68
CA GLU D 312 38.53 -17.29 5.47
C GLU D 312 37.53 -16.92 4.36
N GLU D 313 36.99 -15.69 4.34
CA GLU D 313 35.97 -15.26 3.33
C GLU D 313 36.63 -15.18 1.94
N LYS D 314 37.82 -14.58 1.87
CA LYS D 314 38.66 -14.54 0.63
C LYS D 314 38.83 -15.96 0.09
N ALA D 315 39.36 -16.87 0.93
CA ALA D 315 39.52 -18.30 0.59
C ALA D 315 38.17 -18.86 0.10
N ALA D 316 37.09 -18.70 0.89
CA ALA D 316 35.72 -19.17 0.54
C ALA D 316 35.31 -18.63 -0.84
N LEU D 317 35.57 -17.34 -1.14
CA LEU D 317 35.15 -16.70 -2.41
C LEU D 317 35.99 -17.20 -3.59
N ALA D 318 37.31 -17.32 -3.40
CA ALA D 318 38.26 -17.88 -4.38
C ALA D 318 37.73 -19.23 -4.88
N LYS D 319 37.37 -20.14 -3.95
CA LYS D 319 36.75 -21.47 -4.24
C LYS D 319 35.49 -21.26 -5.11
N SER D 320 34.60 -20.33 -4.70
CA SER D 320 33.32 -20.06 -5.40
C SER D 320 33.60 -19.64 -6.84
N VAL D 321 34.53 -18.70 -7.03
CA VAL D 321 34.95 -18.18 -8.36
C VAL D 321 35.50 -19.32 -9.21
N GLU D 322 36.22 -20.27 -8.62
CA GLU D 322 36.83 -21.38 -9.41
C GLU D 322 35.65 -22.14 -10.02
N SER D 323 34.61 -22.36 -9.21
CA SER D 323 33.34 -23.02 -9.61
C SER D 323 32.67 -22.19 -10.71
N VAL D 324 32.74 -20.86 -10.66
CA VAL D 324 32.17 -19.94 -11.70
C VAL D 324 32.96 -20.09 -13.01
N LYS D 325 34.29 -20.13 -12.93
CA LYS D 325 35.18 -20.29 -14.11
C LYS D 325 34.94 -21.68 -14.74
N ASN D 326 34.76 -22.69 -13.89
CA ASN D 326 34.48 -24.10 -14.23
C ASN D 326 33.21 -24.21 -15.10
N VAL D 327 32.25 -23.30 -14.93
CA VAL D 327 30.94 -23.32 -15.67
C VAL D 327 31.10 -22.50 -16.96
N MET D 328 31.81 -21.36 -16.91
CA MET D 328 32.06 -20.49 -18.10
C MET D 328 32.88 -21.23 -19.16
N ARG D 329 33.71 -22.20 -18.75
CA ARG D 329 34.55 -23.02 -19.66
C ARG D 329 33.66 -24.12 -20.27
N MET D 330 32.56 -24.50 -19.60
CA MET D 330 31.48 -25.38 -20.12
C MET D 330 30.68 -24.68 -21.24
N LEU D 331 30.85 -23.37 -21.46
CA LEU D 331 30.09 -22.60 -22.49
C LEU D 331 30.77 -22.76 -23.85
N GLU D 332 29.96 -22.89 -24.92
CA GLU D 332 30.39 -22.90 -26.34
C GLU D 332 30.40 -21.47 -26.88
#